data_8P7I
#
_entry.id   8P7I
#
_cell.length_a   54.230
_cell.length_b   81.249
_cell.length_c   70.666
_cell.angle_alpha   90.00
_cell.angle_beta   94.80
_cell.angle_gamma   90.00
#
_symmetry.space_group_name_H-M   'P 1 21 1'
#
loop_
_entity.id
_entity.type
_entity.pdbx_description
1 polymer 'Parathion hydrolase'
2 non-polymer 'FORMIC ACID'
3 non-polymer 'ZINC ION'
4 non-polymer (2~{S},6~{R})-2,6-dimethyl-1,3-dioxane-4,4-diol
5 water water
#
_entity_poly.entity_id   1
_entity_poly.type   'polypeptide(L)'
_entity_poly.pdbx_seq_one_letter_code
;ISEFITNSGDRINTVRGPITISEAGFTLTHEHICGSSAGFLRAWPEFFGSRAALVEKAVRGLRRARAAGVRTIVDVSTFD
AGRDVSLLAEVSRAADVHIVAATGLWEDPPLSMRLRSVEELTQFFLREIQYGIEDTGIRAGIIKVATQGKATPFQELVLR
AAARASLATGVPVTTHTFASQRDGEQQAAIFESEGLSPSRVCIGHSDDTDDLSYLTALAARGYLIGLDGIPHSAIGLEDN
ASASALLGNRSWQTRALLIKALIDQGYMKQILVSNDWLFGFSSYVTNIMDVMDSVNPDGMAFIPLRVIPFLREKGVPQET
LAGITVTNPARFLSPTLRAS
;
_entity_poly.pdbx_strand_id   A,B
#
loop_
_chem_comp.id
_chem_comp.type
_chem_comp.name
_chem_comp.formula
FMT non-polymer 'FORMIC ACID' 'C H2 O2'
X3E non-polymer (2~{S},6~{R})-2,6-dimethyl-1,3-dioxane-4,4-diol 'C6 H12 O4'
ZN non-polymer 'ZINC ION' 'Zn 2'
#
# COMPACT_ATOMS: atom_id res chain seq x y z
N ASP A 10 -6.66 -16.53 -29.96
CA ASP A 10 -5.41 -17.23 -30.24
C ASP A 10 -4.21 -16.53 -29.60
N ARG A 11 -4.46 -15.40 -28.93
CA ARG A 11 -3.40 -14.58 -28.36
C ARG A 11 -3.53 -14.52 -26.84
N ILE A 12 -2.38 -14.51 -26.16
CA ILE A 12 -2.29 -14.34 -24.72
C ILE A 12 -1.44 -13.11 -24.43
N ASN A 13 -1.90 -12.24 -23.53
CA ASN A 13 -1.15 -11.05 -23.19
C ASN A 13 -0.01 -11.39 -22.24
N THR A 14 1.20 -10.94 -22.57
CA THR A 14 2.36 -11.06 -21.70
C THR A 14 2.93 -9.68 -21.41
N VAL A 15 3.95 -9.61 -20.54
CA VAL A 15 4.56 -8.33 -20.24
C VAL A 15 5.42 -7.80 -21.37
N ARG A 16 5.66 -8.61 -22.41
CA ARG A 16 6.30 -8.13 -23.63
C ARG A 16 5.31 -7.95 -24.77
N GLY A 17 4.01 -8.11 -24.52
CA GLY A 17 3.01 -8.01 -25.56
C GLY A 17 2.31 -9.32 -25.83
N PRO A 18 1.49 -9.36 -26.87
CA PRO A 18 0.72 -10.58 -27.15
C PRO A 18 1.59 -11.66 -27.79
N ILE A 19 1.32 -12.91 -27.42
CA ILE A 19 1.97 -14.06 -28.04
C ILE A 19 0.89 -15.03 -28.48
N THR A 20 1.23 -15.88 -29.45
CA THR A 20 0.26 -16.89 -29.82
C THR A 20 0.32 -18.05 -28.83
N ILE A 21 -0.75 -18.84 -28.83
CA ILE A 21 -0.86 -19.94 -27.87
C ILE A 21 0.31 -20.91 -28.03
N SER A 22 0.74 -21.17 -29.26
CA SER A 22 1.81 -22.12 -29.50
C SER A 22 3.13 -21.68 -28.88
N GLU A 23 3.32 -20.38 -28.67
CA GLU A 23 4.57 -19.85 -28.16
C GLU A 23 4.73 -20.03 -26.65
N ALA A 24 3.65 -20.31 -25.92
CA ALA A 24 3.76 -20.39 -24.46
C ALA A 24 4.64 -21.55 -24.02
N GLY A 25 4.52 -22.71 -24.67
CA GLY A 25 5.31 -23.86 -24.30
C GLY A 25 5.11 -24.29 -22.86
N PHE A 26 6.15 -24.90 -22.30
CA PHE A 26 6.17 -25.28 -20.89
C PHE A 26 5.89 -24.06 -20.01
N THR A 27 4.79 -24.11 -19.27
CA THR A 27 4.31 -22.94 -18.53
C THR A 27 4.14 -23.29 -17.05
N LEU A 28 4.71 -22.46 -16.18
CA LEU A 28 4.45 -22.52 -14.74
C LEU A 28 3.31 -21.55 -14.43
N THR A 29 2.20 -22.06 -13.93
CA THR A 29 0.97 -21.27 -13.86
C THR A 29 0.78 -20.49 -12.56
N HIS A 30 1.67 -20.60 -11.57
CA HIS A 30 1.50 -19.83 -10.32
C HIS A 30 2.89 -19.55 -9.77
N GLU A 31 3.39 -18.33 -10.02
CA GLU A 31 4.74 -17.95 -9.62
C GLU A 31 4.75 -16.48 -9.26
N HIS A 32 5.86 -16.02 -8.67
CA HIS A 32 6.03 -14.61 -8.33
C HIS A 32 7.45 -14.18 -8.61
N ILE A 33 7.64 -13.08 -9.34
CA ILE A 33 8.98 -12.49 -9.34
C ILE A 33 9.30 -11.95 -7.94
N CYS A 34 8.38 -11.18 -7.36
CA CYS A 34 8.63 -10.59 -6.05
C CYS A 34 7.32 -10.49 -5.28
N GLY A 35 7.24 -11.15 -4.13
CA GLY A 35 6.07 -11.07 -3.28
C GLY A 35 6.23 -9.92 -2.32
N SER A 36 5.49 -8.85 -2.55
CA SER A 36 5.69 -7.63 -1.76
C SER A 36 4.35 -6.98 -1.45
N SER A 37 4.34 -5.64 -1.42
CA SER A 37 3.12 -4.87 -1.16
C SER A 37 3.13 -3.68 -2.11
N ALA A 38 1.94 -3.15 -2.41
CA ALA A 38 1.84 -2.03 -3.34
C ALA A 38 2.79 -0.91 -2.93
N GLY A 39 3.57 -0.42 -3.89
CA GLY A 39 4.48 0.69 -3.68
C GLY A 39 5.76 0.37 -2.93
N PHE A 40 5.89 -0.83 -2.36
CA PHE A 40 6.98 -1.10 -1.42
C PHE A 40 8.32 -1.23 -2.13
N LEU A 41 8.35 -1.95 -3.26
CA LEU A 41 9.62 -2.11 -3.97
C LEU A 41 10.18 -0.76 -4.41
N ARG A 42 9.32 0.17 -4.80
CA ARG A 42 9.79 1.50 -5.19
C ARG A 42 10.20 2.36 -4.01
N ALA A 43 9.54 2.17 -2.86
CA ALA A 43 9.82 3.02 -1.70
C ALA A 43 10.99 2.52 -0.88
N TRP A 44 11.27 1.21 -0.90
CA TRP A 44 12.32 0.67 -0.03
C TRP A 44 13.06 -0.45 -0.75
N PRO A 45 13.71 -0.17 -1.89
CA PRO A 45 14.38 -1.25 -2.62
C PRO A 45 15.54 -1.86 -1.85
N GLU A 46 16.13 -1.11 -0.91
CA GLU A 46 17.21 -1.63 -0.07
C GLU A 46 16.74 -2.79 0.80
N PHE A 47 15.43 -2.96 1.01
CA PHE A 47 14.97 -4.17 1.68
C PHE A 47 15.43 -5.42 0.94
N PHE A 48 15.54 -5.34 -0.39
CA PHE A 48 15.99 -6.44 -1.22
C PHE A 48 17.46 -6.33 -1.60
N GLY A 49 18.25 -5.63 -0.79
CA GLY A 49 19.60 -5.28 -1.19
C GLY A 49 19.58 -4.04 -2.06
N SER A 50 19.06 -4.20 -3.28
CA SER A 50 18.80 -3.09 -4.18
C SER A 50 17.86 -3.61 -5.24
N ARG A 51 17.25 -2.67 -5.98
CA ARG A 51 16.46 -3.08 -7.13
C ARG A 51 17.31 -3.87 -8.12
N ALA A 52 18.55 -3.39 -8.37
CA ALA A 52 19.42 -4.06 -9.31
C ALA A 52 19.76 -5.47 -8.85
N ALA A 53 19.96 -5.67 -7.54
CA ALA A 53 20.26 -7.00 -7.04
C ALA A 53 19.07 -7.93 -7.22
N LEU A 54 17.86 -7.42 -6.98
CA LEU A 54 16.66 -8.22 -7.17
C LEU A 54 16.48 -8.59 -8.63
N VAL A 55 16.69 -7.64 -9.55
CA VAL A 55 16.66 -7.93 -10.97
C VAL A 55 17.64 -9.04 -11.31
N GLU A 56 18.90 -8.88 -10.86
CA GLU A 56 19.92 -9.87 -11.22
C GLU A 56 19.56 -11.24 -10.67
N LYS A 57 19.05 -11.29 -9.44
CA LYS A 57 18.69 -12.58 -8.85
C LYS A 57 17.55 -13.23 -9.61
N ALA A 58 16.54 -12.42 -9.98
CA ALA A 58 15.40 -12.97 -10.72
C ALA A 58 15.81 -13.41 -12.11
N VAL A 59 16.70 -12.66 -12.78
CA VAL A 59 17.14 -13.06 -14.10
C VAL A 59 17.94 -14.35 -14.02
N ARG A 60 18.83 -14.47 -13.03
CA ARG A 60 19.59 -15.71 -12.88
C ARG A 60 18.65 -16.89 -12.63
N GLY A 61 17.62 -16.68 -11.80
CA GLY A 61 16.70 -17.76 -11.49
C GLY A 61 15.81 -18.13 -12.66
N LEU A 62 15.32 -17.14 -13.40
CA LEU A 62 14.49 -17.44 -14.57
C LEU A 62 15.33 -18.08 -15.69
N ARG A 63 16.57 -17.63 -15.88
CA ARG A 63 17.43 -18.27 -16.86
C ARG A 63 17.67 -19.74 -16.51
N ARG A 64 17.79 -20.05 -15.22
CA ARG A 64 17.96 -21.44 -14.81
C ARG A 64 16.70 -22.24 -15.13
N ALA A 65 15.52 -21.67 -14.85
CA ALA A 65 14.28 -22.35 -15.21
C ALA A 65 14.16 -22.51 -16.72
N ARG A 66 14.59 -21.49 -17.48
CA ARG A 66 14.54 -21.62 -18.94
C ARG A 66 15.41 -22.75 -19.44
N ALA A 67 16.62 -22.88 -18.89
CA ALA A 67 17.52 -23.95 -19.31
C ALA A 67 16.93 -25.32 -18.98
N ALA A 68 16.10 -25.38 -17.94
CA ALA A 68 15.43 -26.62 -17.58
C ALA A 68 14.17 -26.88 -18.40
N GLY A 69 13.80 -25.97 -19.29
CA GLY A 69 12.72 -26.19 -20.23
C GLY A 69 11.54 -25.25 -20.09
N VAL A 70 11.49 -24.43 -19.04
CA VAL A 70 10.37 -23.51 -18.85
C VAL A 70 10.43 -22.41 -19.91
N ARG A 71 9.29 -22.14 -20.56
CA ARG A 71 9.23 -21.05 -21.53
C ARG A 71 8.32 -19.90 -21.11
N THR A 72 7.39 -20.14 -20.20
CA THR A 72 6.46 -19.12 -19.72
C THR A 72 6.23 -19.31 -18.23
N ILE A 73 6.10 -18.20 -17.49
CA ILE A 73 5.53 -18.26 -16.14
C ILE A 73 4.35 -17.30 -16.07
N VAL A 74 3.41 -17.64 -15.21
CA VAL A 74 2.30 -16.75 -14.88
C VAL A 74 2.60 -16.15 -13.50
N ASP A 75 2.87 -14.84 -13.47
CA ASP A 75 3.13 -14.15 -12.22
C ASP A 75 1.79 -13.73 -11.63
N VAL A 76 1.37 -14.41 -10.58
CA VAL A 76 0.03 -14.16 -10.04
C VAL A 76 0.09 -13.17 -8.89
N SER A 77 1.10 -12.29 -8.89
CA SER A 77 1.14 -11.17 -7.96
C SER A 77 0.11 -10.11 -8.35
N THR A 78 -0.77 -9.75 -7.43
CA THR A 78 -1.72 -8.68 -7.69
C THR A 78 -1.14 -7.33 -7.28
N PHE A 79 -1.94 -6.28 -7.52
CA PHE A 79 -1.66 -4.95 -6.98
C PHE A 79 -1.20 -4.99 -5.53
N ASP A 80 -1.99 -5.63 -4.65
CA ASP A 80 -1.71 -5.59 -3.22
C ASP A 80 -0.62 -6.58 -2.80
N ALA A 81 -0.21 -7.48 -3.68
CA ALA A 81 1.00 -8.27 -3.49
C ALA A 81 2.24 -7.55 -4.05
N GLY A 82 2.12 -6.26 -4.36
CA GLY A 82 3.25 -5.49 -4.78
C GLY A 82 3.74 -5.73 -6.19
N ARG A 83 2.89 -6.29 -7.06
CA ARG A 83 3.23 -6.46 -8.47
C ARG A 83 3.81 -5.17 -9.04
N ASP A 84 4.99 -5.28 -9.64
CA ASP A 84 5.61 -4.17 -10.35
C ASP A 84 5.83 -4.65 -11.78
N VAL A 85 4.91 -4.31 -12.69
CA VAL A 85 4.99 -4.94 -14.01
C VAL A 85 6.22 -4.47 -14.78
N SER A 86 6.74 -3.29 -14.46
N SER A 86 6.74 -3.29 -14.46
CA SER A 86 8.00 -2.88 -15.09
CA SER A 86 8.00 -2.86 -15.08
C SER A 86 9.14 -3.79 -14.68
C SER A 86 9.15 -3.78 -14.67
N LEU A 87 9.12 -4.29 -13.44
CA LEU A 87 10.10 -5.30 -13.04
C LEU A 87 9.89 -6.61 -13.81
N LEU A 88 8.63 -7.05 -13.88
CA LEU A 88 8.33 -8.27 -14.64
C LEU A 88 8.81 -8.16 -16.07
N ALA A 89 8.58 -7.01 -16.70
CA ALA A 89 8.99 -6.85 -18.09
C ALA A 89 10.50 -6.92 -18.21
N GLU A 90 11.20 -6.22 -17.32
CA GLU A 90 12.67 -6.24 -17.36
C GLU A 90 13.20 -7.66 -17.20
N VAL A 91 12.66 -8.43 -16.25
CA VAL A 91 13.21 -9.76 -15.99
C VAL A 91 12.83 -10.73 -17.11
N SER A 92 11.62 -10.58 -17.66
CA SER A 92 11.18 -11.43 -18.76
C SER A 92 12.09 -11.24 -19.97
N ARG A 93 12.40 -9.99 -20.28
N ARG A 93 12.39 -9.99 -20.30
CA ARG A 93 13.23 -9.71 -21.46
CA ARG A 93 13.24 -9.70 -21.45
C ARG A 93 14.64 -10.25 -21.29
C ARG A 93 14.63 -10.30 -21.28
N ALA A 94 15.20 -10.15 -20.09
CA ALA A 94 16.60 -10.54 -19.87
C ALA A 94 16.78 -12.03 -19.60
N ALA A 95 15.70 -12.76 -19.37
CA ALA A 95 15.78 -14.20 -19.21
C ALA A 95 15.14 -14.93 -20.38
N ASP A 96 14.56 -14.20 -21.33
CA ASP A 96 13.81 -14.74 -22.46
C ASP A 96 12.82 -15.81 -22.01
N VAL A 97 12.02 -15.44 -21.01
CA VAL A 97 10.93 -16.26 -20.51
C VAL A 97 9.70 -15.38 -20.55
N HIS A 98 8.64 -15.85 -21.22
CA HIS A 98 7.39 -15.09 -21.22
C HIS A 98 6.86 -14.97 -19.79
N ILE A 99 6.31 -13.81 -19.45
CA ILE A 99 5.63 -13.66 -18.16
C ILE A 99 4.23 -13.11 -18.41
N VAL A 100 3.21 -13.83 -17.91
CA VAL A 100 1.85 -13.32 -17.92
C VAL A 100 1.59 -12.64 -16.58
N ALA A 101 1.12 -11.38 -16.63
CA ALA A 101 0.80 -10.60 -15.43
C ALA A 101 -0.65 -10.79 -15.03
N ALA A 102 -0.91 -10.50 -13.76
CA ALA A 102 -2.22 -10.70 -13.14
C ALA A 102 -2.87 -9.39 -12.74
N THR A 103 -4.21 -9.37 -12.79
CA THR A 103 -5.00 -8.41 -12.03
C THR A 103 -5.68 -9.18 -10.89
N GLY A 104 -6.67 -8.56 -10.25
CA GLY A 104 -7.34 -9.14 -9.10
C GLY A 104 -6.82 -8.56 -7.80
N LEU A 105 -7.18 -9.21 -6.69
CA LEU A 105 -6.70 -8.81 -5.38
C LEU A 105 -6.41 -10.03 -4.53
N TRP A 106 -5.38 -9.89 -3.71
CA TRP A 106 -4.84 -10.99 -2.90
C TRP A 106 -5.29 -10.76 -1.46
N GLU A 107 -4.46 -11.10 -0.48
CA GLU A 107 -4.92 -11.11 0.90
C GLU A 107 -4.61 -9.83 1.66
N ASP A 108 -4.08 -8.79 1.00
CA ASP A 108 -3.67 -7.56 1.70
C ASP A 108 -4.14 -6.28 1.00
N PRO A 109 -5.42 -6.17 0.65
CA PRO A 109 -5.88 -4.93 -0.02
C PRO A 109 -5.86 -3.75 0.93
N PRO A 110 -5.36 -2.60 0.47
CA PRO A 110 -5.40 -1.38 1.29
C PRO A 110 -6.79 -0.78 1.30
N LEU A 111 -6.97 0.24 2.14
CA LEU A 111 -8.26 0.90 2.29
C LEU A 111 -8.85 1.32 0.96
N SER A 112 -8.03 1.88 0.06
CA SER A 112 -8.57 2.39 -1.20
C SER A 112 -9.17 1.29 -2.06
N MET A 113 -8.81 0.03 -1.81
CA MET A 113 -9.46 -1.11 -2.44
C MET A 113 -10.59 -1.67 -1.59
N ARG A 114 -10.36 -1.83 -0.28
CA ARG A 114 -11.36 -2.45 0.60
C ARG A 114 -12.67 -1.69 0.65
N LEU A 115 -12.66 -0.39 0.37
CA LEU A 115 -13.85 0.44 0.44
C LEU A 115 -14.64 0.43 -0.86
N ARG A 116 -14.20 -0.29 -1.87
CA ARG A 116 -14.82 -0.21 -3.19
C ARG A 116 -15.96 -1.21 -3.33
N SER A 117 -16.90 -0.87 -4.22
CA SER A 117 -18.06 -1.70 -4.52
C SER A 117 -17.69 -2.78 -5.53
N VAL A 118 -18.57 -3.78 -5.68
CA VAL A 118 -18.30 -4.82 -6.67
C VAL A 118 -18.21 -4.20 -8.07
N GLU A 119 -19.04 -3.17 -8.34
CA GLU A 119 -18.98 -2.50 -9.63
C GLU A 119 -17.65 -1.79 -9.82
N GLU A 120 -17.17 -1.11 -8.79
CA GLU A 120 -15.88 -0.41 -8.88
C GLU A 120 -14.73 -1.41 -9.09
N LEU A 121 -14.74 -2.50 -8.31
CA LEU A 121 -13.69 -3.51 -8.48
C LEU A 121 -13.70 -4.10 -9.88
N THR A 122 -14.91 -4.34 -10.43
CA THR A 122 -14.99 -4.84 -11.80
C THR A 122 -14.33 -3.87 -12.77
N GLN A 123 -14.56 -2.57 -12.59
CA GLN A 123 -13.93 -1.59 -13.46
C GLN A 123 -12.41 -1.62 -13.34
N PHE A 124 -11.90 -1.77 -12.12
CA PHE A 124 -10.45 -1.82 -11.94
C PHE A 124 -9.85 -3.06 -12.60
N PHE A 125 -10.46 -4.23 -12.39
CA PHE A 125 -9.93 -5.43 -13.03
C PHE A 125 -9.99 -5.31 -14.55
N LEU A 126 -11.10 -4.78 -15.07
CA LEU A 126 -11.22 -4.59 -16.51
C LEU A 126 -10.17 -3.62 -17.03
N ARG A 127 -9.89 -2.56 -16.28
CA ARG A 127 -8.87 -1.62 -16.72
C ARG A 127 -7.53 -2.34 -16.94
N GLU A 128 -7.13 -3.16 -15.97
CA GLU A 128 -5.82 -3.81 -16.07
C GLU A 128 -5.77 -4.86 -17.18
N ILE A 129 -6.92 -5.42 -17.58
CA ILE A 129 -6.96 -6.40 -18.67
C ILE A 129 -7.09 -5.74 -20.03
N GLN A 130 -7.96 -4.74 -20.14
CA GLN A 130 -8.33 -4.16 -21.41
C GLN A 130 -7.53 -2.92 -21.78
N TYR A 131 -7.11 -2.13 -20.80
CA TYR A 131 -6.36 -0.90 -21.04
C TYR A 131 -4.87 -1.11 -20.78
N GLY A 132 -4.53 -1.55 -19.60
CA GLY A 132 -3.14 -1.73 -19.20
C GLY A 132 -2.99 -1.52 -17.72
N ILE A 133 -1.84 -1.95 -17.21
CA ILE A 133 -1.51 -1.81 -15.80
C ILE A 133 -0.72 -0.51 -15.62
N GLU A 134 -1.18 0.33 -14.70
CA GLU A 134 -0.57 1.64 -14.44
C GLU A 134 -0.47 2.37 -15.78
N ASP A 135 0.68 2.97 -16.12
CA ASP A 135 0.87 3.67 -17.38
C ASP A 135 1.79 2.90 -18.32
N THR A 136 1.85 1.57 -18.17
CA THR A 136 2.82 0.76 -18.90
C THR A 136 2.31 0.20 -20.22
N GLY A 137 0.99 0.18 -20.42
CA GLY A 137 0.45 -0.49 -21.58
C GLY A 137 0.46 -2.01 -21.50
N ILE A 138 1.05 -2.56 -20.44
CA ILE A 138 1.08 -4.01 -20.25
C ILE A 138 -0.28 -4.46 -19.70
N ARG A 139 -0.88 -5.45 -20.35
CA ARG A 139 -2.21 -5.92 -19.99
C ARG A 139 -2.15 -7.24 -19.26
N ALA A 140 -2.98 -7.39 -18.24
CA ALA A 140 -3.07 -8.63 -17.49
C ALA A 140 -3.67 -9.75 -18.32
N GLY A 141 -3.16 -10.97 -18.12
CA GLY A 141 -3.68 -12.14 -18.77
C GLY A 141 -4.40 -13.11 -17.86
N ILE A 142 -4.62 -12.75 -16.59
CA ILE A 142 -5.23 -13.66 -15.62
C ILE A 142 -5.71 -12.80 -14.46
N ILE A 143 -6.72 -13.30 -13.75
CA ILE A 143 -7.30 -12.63 -12.59
C ILE A 143 -7.05 -13.50 -11.38
N LYS A 144 -6.42 -12.93 -10.35
CA LYS A 144 -6.09 -13.65 -9.12
C LYS A 144 -7.00 -13.18 -7.99
N VAL A 145 -7.53 -14.14 -7.22
CA VAL A 145 -8.38 -13.86 -6.07
C VAL A 145 -7.93 -14.73 -4.90
N ALA A 146 -8.47 -14.42 -3.71
CA ALA A 146 -8.02 -15.15 -2.53
C ALA A 146 -9.11 -15.21 -1.46
N THR A 147 -9.18 -16.37 -0.79
CA THR A 147 -9.84 -16.51 0.51
C THR A 147 -8.89 -17.23 1.45
N GLN A 148 -9.15 -17.08 2.75
CA GLN A 148 -8.39 -17.75 3.81
C GLN A 148 -9.43 -18.33 4.78
N GLY A 149 -10.06 -19.43 4.38
CA GLY A 149 -11.28 -19.84 5.04
C GLY A 149 -12.47 -19.10 4.46
N LYS A 150 -13.57 -19.10 5.21
CA LYS A 150 -14.80 -18.40 4.79
C LYS A 150 -14.48 -16.99 4.31
N ALA A 151 -15.02 -16.64 3.15
CA ALA A 151 -14.76 -15.34 2.56
C ALA A 151 -15.28 -14.22 3.46
N THR A 152 -14.46 -13.18 3.63
CA THR A 152 -14.96 -11.93 4.17
C THR A 152 -15.99 -11.32 3.21
N PRO A 153 -16.80 -10.36 3.67
CA PRO A 153 -17.70 -9.70 2.72
C PRO A 153 -16.96 -9.07 1.57
N PHE A 154 -15.78 -8.50 1.81
CA PHE A 154 -15.04 -7.89 0.71
C PHE A 154 -14.53 -8.94 -0.27
N GLN A 155 -14.06 -10.08 0.23
CA GLN A 155 -13.59 -11.13 -0.66
C GLN A 155 -14.73 -11.67 -1.54
N GLU A 156 -15.95 -11.74 -0.99
CA GLU A 156 -17.10 -12.07 -1.85
C GLU A 156 -17.22 -11.08 -3.00
N LEU A 157 -17.03 -9.78 -2.73
CA LEU A 157 -17.08 -8.79 -3.82
C LEU A 157 -15.96 -9.04 -4.82
N VAL A 158 -14.76 -9.36 -4.35
CA VAL A 158 -13.64 -9.59 -5.24
C VAL A 158 -13.92 -10.80 -6.13
N LEU A 159 -14.44 -11.89 -5.55
CA LEU A 159 -14.77 -13.07 -6.33
C LEU A 159 -15.81 -12.74 -7.41
N ARG A 160 -16.83 -11.95 -7.05
CA ARG A 160 -17.86 -11.61 -8.02
C ARG A 160 -17.33 -10.69 -9.11
N ALA A 161 -16.53 -9.68 -8.72
CA ALA A 161 -15.93 -8.81 -9.72
C ALA A 161 -14.98 -9.58 -10.64
N ALA A 162 -14.26 -10.56 -10.09
CA ALA A 162 -13.37 -11.38 -10.91
C ALA A 162 -14.16 -12.17 -11.94
N ALA A 163 -15.26 -12.79 -11.50
CA ALA A 163 -16.12 -13.52 -12.43
C ALA A 163 -16.65 -12.61 -13.54
N ARG A 164 -17.09 -11.39 -13.17
CA ARG A 164 -17.62 -10.48 -14.17
C ARG A 164 -16.55 -10.04 -15.15
N ALA A 165 -15.34 -9.73 -14.64
CA ALA A 165 -14.26 -9.36 -15.54
C ALA A 165 -13.86 -10.51 -16.45
N SER A 166 -13.90 -11.75 -15.94
CA SER A 166 -13.57 -12.90 -16.76
C SER A 166 -14.62 -13.09 -17.87
N LEU A 167 -15.90 -12.96 -17.51
CA LEU A 167 -16.95 -13.15 -18.51
C LEU A 167 -16.85 -12.11 -19.62
N ALA A 168 -16.42 -10.88 -19.28
CA ALA A 168 -16.34 -9.82 -20.27
C ALA A 168 -15.11 -9.95 -21.18
N THR A 169 -14.05 -10.60 -20.73
CA THR A 169 -12.79 -10.61 -21.46
C THR A 169 -12.35 -12.00 -21.90
N GLY A 170 -12.83 -13.06 -21.25
CA GLY A 170 -12.39 -14.41 -21.49
C GLY A 170 -11.13 -14.82 -20.76
N VAL A 171 -10.47 -13.92 -20.03
CA VAL A 171 -9.26 -14.32 -19.32
C VAL A 171 -9.68 -15.12 -18.10
N PRO A 172 -8.88 -16.11 -17.69
CA PRO A 172 -9.31 -17.02 -16.62
C PRO A 172 -9.06 -16.43 -15.24
N VAL A 173 -9.57 -17.14 -14.24
CA VAL A 173 -9.47 -16.77 -12.83
C VAL A 173 -8.66 -17.85 -12.12
N THR A 174 -7.73 -17.42 -11.27
CA THR A 174 -6.94 -18.37 -10.49
C THR A 174 -7.02 -17.96 -9.03
N THR A 175 -7.05 -18.92 -8.12
CA THR A 175 -7.39 -18.57 -6.74
C THR A 175 -6.32 -19.03 -5.75
N HIS A 176 -6.30 -18.31 -4.63
CA HIS A 176 -5.52 -18.69 -3.43
C HIS A 176 -6.55 -19.25 -2.45
N THR A 177 -6.25 -20.39 -1.87
CA THR A 177 -7.18 -20.98 -0.88
C THR A 177 -6.51 -21.48 0.37
N PHE A 178 -7.30 -21.62 1.43
CA PHE A 178 -6.86 -22.42 2.58
C PHE A 178 -7.42 -23.79 2.19
N ALA A 179 -6.61 -24.62 1.54
CA ALA A 179 -7.15 -25.89 0.99
C ALA A 179 -7.73 -26.76 2.11
N SER A 180 -7.11 -26.68 3.28
CA SER A 180 -7.58 -27.50 4.41
C SER A 180 -8.98 -27.12 4.86
N GLN A 181 -9.46 -25.92 4.52
CA GLN A 181 -10.83 -25.54 4.81
C GLN A 181 -11.71 -25.60 3.58
N ARG A 182 -11.25 -26.29 2.53
CA ARG A 182 -12.05 -26.57 1.33
C ARG A 182 -12.56 -25.29 0.68
N ASP A 183 -11.75 -24.23 0.70
CA ASP A 183 -12.22 -22.94 0.20
C ASP A 183 -12.69 -23.04 -1.26
N GLY A 184 -12.15 -23.99 -2.02
CA GLY A 184 -12.56 -24.10 -3.41
C GLY A 184 -14.05 -24.30 -3.59
N GLU A 185 -14.71 -24.92 -2.61
CA GLU A 185 -16.15 -25.12 -2.70
C GLU A 185 -16.90 -23.79 -2.61
N GLN A 186 -16.55 -22.92 -1.65
CA GLN A 186 -17.24 -21.63 -1.58
C GLN A 186 -16.89 -20.76 -2.77
N GLN A 187 -15.63 -20.77 -3.20
CA GLN A 187 -15.25 -20.02 -4.38
C GLN A 187 -16.05 -20.48 -5.59
N ALA A 188 -16.14 -21.80 -5.79
CA ALA A 188 -16.95 -22.36 -6.87
C ALA A 188 -18.40 -21.89 -6.77
N ALA A 189 -18.99 -21.97 -5.57
CA ALA A 189 -20.38 -21.56 -5.41
C ALA A 189 -20.59 -20.11 -5.84
N ILE A 190 -19.68 -19.22 -5.44
CA ILE A 190 -19.85 -17.81 -5.78
C ILE A 190 -19.63 -17.59 -7.27
N PHE A 191 -18.59 -18.22 -7.84
CA PHE A 191 -18.34 -18.12 -9.27
C PHE A 191 -19.55 -18.59 -10.08
N GLU A 192 -20.12 -19.74 -9.70
CA GLU A 192 -21.23 -20.27 -10.48
C GLU A 192 -22.47 -19.40 -10.31
N SER A 193 -22.62 -18.75 -9.16
CA SER A 193 -23.73 -17.82 -8.98
C SER A 193 -23.58 -16.58 -9.85
N GLU A 194 -22.40 -16.34 -10.42
CA GLU A 194 -22.18 -15.30 -11.40
C GLU A 194 -22.18 -15.83 -12.83
N GLY A 195 -22.42 -17.12 -13.03
CA GLY A 195 -22.46 -17.64 -14.37
C GLY A 195 -21.11 -17.97 -14.97
N LEU A 196 -20.08 -18.06 -14.15
CA LEU A 196 -18.74 -18.37 -14.63
C LEU A 196 -18.58 -19.86 -14.86
N SER A 197 -17.91 -20.22 -15.97
CA SER A 197 -17.72 -21.64 -16.24
C SER A 197 -16.55 -22.18 -15.43
N PRO A 198 -16.70 -23.34 -14.78
CA PRO A 198 -15.57 -23.90 -14.02
C PRO A 198 -14.30 -24.07 -14.82
N SER A 199 -14.40 -24.32 -16.14
CA SER A 199 -13.21 -24.47 -16.96
C SER A 199 -12.41 -23.18 -17.09
N ARG A 200 -12.95 -22.07 -16.59
CA ARG A 200 -12.19 -20.82 -16.58
C ARG A 200 -11.54 -20.55 -15.24
N VAL A 201 -11.55 -21.53 -14.33
CA VAL A 201 -11.17 -21.30 -12.93
C VAL A 201 -10.15 -22.36 -12.52
N CYS A 202 -9.02 -21.91 -11.96
CA CYS A 202 -8.08 -22.80 -11.30
C CYS A 202 -8.16 -22.56 -9.80
N ILE A 203 -8.49 -23.62 -9.05
CA ILE A 203 -8.50 -23.57 -7.58
C ILE A 203 -7.08 -23.88 -7.10
N GLY A 204 -6.39 -22.85 -6.60
CA GLY A 204 -4.97 -22.97 -6.30
C GLY A 204 -4.68 -23.39 -4.87
N HIS A 205 -3.39 -23.56 -4.60
CA HIS A 205 -2.85 -24.10 -3.34
C HIS A 205 -3.52 -25.42 -2.96
N SER A 206 -4.00 -26.14 -3.97
CA SER A 206 -4.74 -27.37 -3.74
C SER A 206 -3.83 -28.51 -3.27
N ASP A 207 -2.52 -28.40 -3.48
CA ASP A 207 -1.59 -29.37 -2.91
C ASP A 207 -1.32 -29.17 -1.43
N ASP A 208 -1.90 -28.13 -0.80
CA ASP A 208 -1.75 -27.93 0.63
C ASP A 208 -2.60 -28.91 1.45
N THR A 209 -3.49 -29.66 0.80
CA THR A 209 -4.32 -30.61 1.52
C THR A 209 -4.06 -32.02 1.00
N ASP A 210 -4.34 -32.99 1.87
CA ASP A 210 -4.25 -34.40 1.52
C ASP A 210 -5.63 -35.00 1.24
N ASP A 211 -6.70 -34.19 1.32
CA ASP A 211 -8.06 -34.67 1.16
C ASP A 211 -8.35 -34.82 -0.33
N LEU A 212 -8.08 -36.02 -0.86
CA LEU A 212 -8.28 -36.27 -2.28
C LEU A 212 -9.74 -36.11 -2.68
N SER A 213 -10.68 -36.47 -1.79
CA SER A 213 -12.09 -36.40 -2.15
C SER A 213 -12.55 -34.96 -2.35
N TYR A 214 -11.94 -34.01 -1.63
CA TYR A 214 -12.23 -32.59 -1.87
C TYR A 214 -11.80 -32.18 -3.27
N LEU A 215 -10.60 -32.60 -3.68
CA LEU A 215 -10.08 -32.22 -4.99
C LEU A 215 -10.83 -32.90 -6.13
N THR A 216 -11.12 -34.20 -6.00
CA THR A 216 -11.76 -34.89 -7.12
C THR A 216 -13.20 -34.42 -7.32
N ALA A 217 -13.92 -34.08 -6.24
CA ALA A 217 -15.25 -33.52 -6.39
C ALA A 217 -15.21 -32.19 -7.16
N LEU A 218 -14.23 -31.33 -6.86
CA LEU A 218 -14.12 -30.08 -7.62
C LEU A 218 -13.78 -30.34 -9.08
N ALA A 219 -12.83 -31.26 -9.33
CA ALA A 219 -12.46 -31.55 -10.71
C ALA A 219 -13.60 -32.20 -11.47
N ALA A 220 -14.40 -33.04 -10.79
CA ALA A 220 -15.58 -33.63 -11.44
C ALA A 220 -16.61 -32.57 -11.82
N ARG A 221 -16.53 -31.37 -11.22
CA ARG A 221 -17.36 -30.24 -11.62
C ARG A 221 -16.73 -29.40 -12.72
N GLY A 222 -15.52 -29.76 -13.16
CA GLY A 222 -14.87 -29.09 -14.27
C GLY A 222 -13.82 -28.07 -13.89
N TYR A 223 -13.56 -27.88 -12.60
CA TYR A 223 -12.54 -26.93 -12.19
C TYR A 223 -11.14 -27.46 -12.51
N LEU A 224 -10.23 -26.53 -12.74
CA LEU A 224 -8.81 -26.86 -12.83
C LEU A 224 -8.25 -26.83 -11.41
N ILE A 225 -7.32 -27.73 -11.14
CA ILE A 225 -6.78 -27.94 -9.80
C ILE A 225 -5.33 -27.50 -9.80
N GLY A 226 -5.02 -26.47 -9.02
CA GLY A 226 -3.67 -25.95 -9.00
C GLY A 226 -2.83 -26.59 -7.92
N LEU A 227 -1.93 -27.49 -8.33
CA LEU A 227 -0.97 -28.13 -7.43
C LEU A 227 0.30 -27.31 -7.58
N ASP A 228 0.34 -26.19 -6.86
CA ASP A 228 1.22 -25.09 -7.24
C ASP A 228 2.30 -24.76 -6.22
N GLY A 229 2.40 -25.52 -5.13
CA GLY A 229 3.42 -25.26 -4.13
C GLY A 229 4.33 -26.45 -3.86
N ILE A 230 4.64 -27.22 -4.89
CA ILE A 230 5.29 -28.53 -4.70
C ILE A 230 6.57 -28.45 -3.86
N PRO A 231 7.47 -27.50 -4.05
CA PRO A 231 8.68 -27.46 -3.20
C PRO A 231 8.50 -26.78 -1.86
N HIS A 232 7.27 -26.40 -1.48
CA HIS A 232 7.06 -25.76 -0.19
C HIS A 232 7.12 -26.80 0.93
N SER A 233 8.15 -26.75 1.74
CA SER A 233 8.29 -27.71 2.83
C SER A 233 9.31 -27.19 3.83
N ALA A 234 8.97 -27.31 5.12
CA ALA A 234 9.88 -26.92 6.18
C ALA A 234 10.55 -28.13 6.84
N ILE A 235 10.52 -29.27 6.16
CA ILE A 235 11.28 -30.42 6.63
C ILE A 235 12.75 -30.03 6.74
N GLY A 236 13.34 -30.31 7.90
CA GLY A 236 14.69 -29.87 8.19
C GLY A 236 14.77 -28.53 8.86
N LEU A 237 13.67 -27.77 8.91
CA LEU A 237 13.61 -26.46 9.52
C LEU A 237 12.70 -26.45 10.73
N GLU A 238 12.65 -27.55 11.48
CA GLU A 238 11.69 -27.70 12.57
C GLU A 238 11.93 -26.69 13.69
N ASP A 239 13.17 -26.21 13.85
CA ASP A 239 13.44 -25.19 14.86
C ASP A 239 13.09 -23.79 14.40
N ASN A 240 12.46 -23.66 13.23
CA ASN A 240 12.10 -22.36 12.66
C ASN A 240 10.57 -22.26 12.61
N ALA A 241 10.00 -21.57 13.60
CA ALA A 241 8.55 -21.51 13.72
C ALA A 241 7.91 -20.77 12.54
N SER A 242 8.51 -19.67 12.10
CA SER A 242 7.88 -18.90 11.04
C SER A 242 7.95 -19.62 9.70
N ALA A 243 9.10 -20.24 9.39
CA ALA A 243 9.20 -21.03 8.17
C ALA A 243 8.25 -22.24 8.21
N SER A 244 8.18 -22.93 9.36
CA SER A 244 7.28 -24.07 9.46
C SER A 244 5.82 -23.66 9.29
N ALA A 245 5.42 -22.52 9.87
CA ALA A 245 4.03 -22.08 9.71
C ALA A 245 3.72 -21.78 8.25
N LEU A 246 4.66 -21.19 7.53
CA LEU A 246 4.42 -20.76 6.16
C LEU A 246 4.48 -21.93 5.17
N LEU A 247 5.49 -22.79 5.31
CA LEU A 247 5.78 -23.82 4.32
C LEU A 247 5.13 -25.16 4.61
N GLY A 248 4.72 -25.40 5.86
CA GLY A 248 4.16 -26.69 6.25
C GLY A 248 5.24 -27.75 6.45
N ASN A 249 4.81 -28.88 7.00
CA ASN A 249 5.73 -29.98 7.26
C ASN A 249 5.45 -31.19 6.37
N ARG A 250 4.59 -31.05 5.37
CA ARG A 250 4.45 -32.07 4.36
C ARG A 250 5.56 -31.94 3.31
N SER A 251 6.07 -33.09 2.88
CA SER A 251 7.22 -33.12 1.98
C SER A 251 6.82 -32.74 0.57
N TRP A 252 7.83 -32.38 -0.23
CA TRP A 252 7.58 -32.16 -1.64
C TRP A 252 7.13 -33.45 -2.32
N GLN A 253 7.63 -34.62 -1.85
CA GLN A 253 7.20 -35.87 -2.44
C GLN A 253 5.71 -36.13 -2.20
N THR A 254 5.23 -35.82 -1.00
CA THR A 254 3.81 -35.93 -0.69
C THR A 254 2.99 -35.04 -1.62
N ARG A 255 3.42 -33.79 -1.79
CA ARG A 255 2.72 -32.89 -2.72
C ARG A 255 2.78 -33.41 -4.15
N ALA A 256 3.95 -33.90 -4.58
CA ALA A 256 4.10 -34.39 -5.94
C ALA A 256 3.25 -35.62 -6.18
N LEU A 257 3.10 -36.49 -5.18
CA LEU A 257 2.28 -37.68 -5.36
C LEU A 257 0.80 -37.35 -5.50
N LEU A 258 0.38 -36.16 -5.10
CA LEU A 258 -0.99 -35.72 -5.41
C LEU A 258 -1.16 -35.49 -6.90
N ILE A 259 -0.12 -35.05 -7.60
CA ILE A 259 -0.20 -34.97 -9.05
C ILE A 259 -0.49 -36.35 -9.65
N LYS A 260 0.29 -37.35 -9.22
CA LYS A 260 0.08 -38.70 -9.71
C LYS A 260 -1.30 -39.21 -9.34
N ALA A 261 -1.77 -38.89 -8.12
CA ALA A 261 -3.09 -39.37 -7.69
C ALA A 261 -4.19 -38.81 -8.59
N LEU A 262 -4.15 -37.51 -8.89
CA LEU A 262 -5.18 -36.96 -9.76
C LEU A 262 -5.05 -37.48 -11.20
N ILE A 263 -3.84 -37.71 -11.68
CA ILE A 263 -3.69 -38.40 -12.96
C ILE A 263 -4.35 -39.78 -12.90
N ASP A 264 -4.05 -40.53 -11.84
CA ASP A 264 -4.58 -41.88 -11.69
C ASP A 264 -6.10 -41.89 -11.56
N GLN A 265 -6.70 -40.79 -11.09
CA GLN A 265 -8.14 -40.72 -10.97
C GLN A 265 -8.81 -40.15 -12.22
N GLY A 266 -8.03 -39.85 -13.26
CA GLY A 266 -8.57 -39.47 -14.56
C GLY A 266 -8.62 -37.99 -14.84
N TYR A 267 -7.94 -37.16 -14.05
CA TYR A 267 -8.05 -35.71 -14.15
C TYR A 267 -6.81 -35.06 -14.75
N MET A 268 -6.03 -35.78 -15.57
CA MET A 268 -4.78 -35.21 -16.09
C MET A 268 -5.01 -33.92 -16.88
N LYS A 269 -6.14 -33.79 -17.57
CA LYS A 269 -6.42 -32.61 -18.38
C LYS A 269 -6.84 -31.40 -17.56
N GLN A 270 -6.97 -31.55 -16.24
CA GLN A 270 -7.39 -30.44 -15.38
C GLN A 270 -6.37 -30.09 -14.31
N ILE A 271 -5.17 -30.63 -14.38
CA ILE A 271 -4.12 -30.36 -13.41
C ILE A 271 -3.23 -29.25 -13.93
N LEU A 272 -2.95 -28.27 -13.08
CA LEU A 272 -1.92 -27.26 -13.34
C LEU A 272 -0.87 -27.34 -12.23
N VAL A 273 0.42 -27.39 -12.60
CA VAL A 273 1.51 -27.57 -11.65
C VAL A 273 2.39 -26.34 -11.61
N SER A 274 2.87 -25.98 -10.42
CA SER A 274 3.79 -24.86 -10.32
C SER A 274 4.57 -24.97 -9.02
N ASN A 275 5.47 -24.00 -8.78
CA ASN A 275 6.31 -23.95 -7.58
C ASN A 275 5.83 -22.98 -6.53
N ASP A 276 5.08 -21.96 -6.95
CA ASP A 276 4.78 -20.81 -6.10
C ASP A 276 6.06 -20.28 -5.45
N TRP A 277 7.08 -20.07 -6.28
CA TRP A 277 8.35 -19.56 -5.82
C TRP A 277 8.39 -18.04 -6.00
N LEU A 278 9.44 -17.43 -5.44
CA LEU A 278 9.65 -16.00 -5.50
C LEU A 278 11.14 -15.77 -5.55
N PHE A 279 11.54 -14.58 -6.01
CA PHE A 279 12.93 -14.14 -5.95
C PHE A 279 13.14 -13.02 -4.94
N GLY A 280 12.07 -12.33 -4.56
CA GLY A 280 12.09 -11.45 -3.41
C GLY A 280 10.78 -11.64 -2.67
N PHE A 281 10.81 -11.35 -1.37
CA PHE A 281 9.68 -11.71 -0.49
C PHE A 281 9.75 -10.76 0.71
N SER A 282 8.91 -9.71 0.69
CA SER A 282 8.91 -8.75 1.79
C SER A 282 7.68 -8.82 2.67
N SER A 283 6.65 -9.58 2.29
CA SER A 283 5.39 -9.56 3.02
C SER A 283 5.34 -10.56 4.17
N TYR A 284 6.48 -11.16 4.55
CA TYR A 284 6.53 -12.06 5.69
C TYR A 284 7.73 -11.66 6.55
N VAL A 285 8.26 -12.60 7.35
CA VAL A 285 9.44 -12.30 8.19
C VAL A 285 10.65 -12.03 7.31
N THR A 286 11.61 -11.30 7.87
CA THR A 286 12.70 -10.76 7.06
C THR A 286 13.56 -11.86 6.42
N ASN A 287 13.85 -12.91 7.14
CA ASN A 287 14.80 -13.87 6.56
C ASN A 287 14.15 -14.91 5.64
N ILE A 288 12.86 -14.81 5.31
CA ILE A 288 12.18 -15.96 4.73
C ILE A 288 12.72 -16.32 3.34
N MET A 289 13.12 -15.33 2.55
CA MET A 289 13.59 -15.68 1.20
C MET A 289 14.88 -16.48 1.27
N ASP A 290 15.81 -16.10 2.15
CA ASP A 290 17.03 -16.88 2.32
C ASP A 290 16.73 -18.27 2.83
N VAL A 291 15.76 -18.39 3.74
CA VAL A 291 15.41 -19.71 4.27
C VAL A 291 14.86 -20.59 3.17
N MET A 292 13.92 -20.05 2.38
CA MET A 292 13.34 -20.81 1.27
C MET A 292 14.41 -21.20 0.25
N ASP A 293 15.29 -20.28 -0.12
CA ASP A 293 16.36 -20.61 -1.06
C ASP A 293 17.29 -21.69 -0.51
N SER A 294 17.44 -21.73 0.82
CA SER A 294 18.32 -22.70 1.44
C SER A 294 17.81 -24.12 1.27
N VAL A 295 16.49 -24.33 1.18
CA VAL A 295 15.99 -25.68 0.98
C VAL A 295 15.58 -26.00 -0.45
N ASN A 296 15.38 -25.00 -1.30
CA ASN A 296 15.12 -25.21 -2.72
C ASN A 296 15.95 -24.28 -3.58
N PRO A 297 17.25 -24.55 -3.73
CA PRO A 297 18.08 -23.72 -4.61
C PRO A 297 17.65 -23.75 -6.08
N ASP A 298 16.97 -24.81 -6.53
CA ASP A 298 16.51 -24.82 -7.90
C ASP A 298 15.43 -23.78 -8.18
N GLY A 299 14.79 -23.23 -7.13
CA GLY A 299 13.76 -22.22 -7.31
C GLY A 299 12.65 -22.63 -8.26
N MET A 300 12.43 -21.85 -9.32
CA MET A 300 11.37 -22.18 -10.26
C MET A 300 11.73 -23.35 -11.17
N ALA A 301 13.00 -23.72 -11.22
CA ALA A 301 13.37 -24.92 -11.97
C ALA A 301 13.04 -26.19 -11.22
N PHE A 302 12.43 -26.10 -10.03
CA PHE A 302 12.15 -27.31 -9.26
C PHE A 302 11.17 -28.23 -9.99
N ILE A 303 10.12 -27.68 -10.59
CA ILE A 303 9.15 -28.54 -11.30
C ILE A 303 9.86 -29.31 -12.42
N PRO A 304 10.54 -28.67 -13.38
CA PRO A 304 11.14 -29.48 -14.47
C PRO A 304 12.30 -30.34 -14.02
N LEU A 305 13.11 -29.88 -13.07
CA LEU A 305 14.30 -30.64 -12.71
C LEU A 305 14.02 -31.77 -11.75
N ARG A 306 13.00 -31.64 -10.90
CA ARG A 306 12.80 -32.62 -9.83
C ARG A 306 11.47 -33.33 -9.94
N VAL A 307 10.38 -32.59 -10.17
CA VAL A 307 9.06 -33.22 -10.16
C VAL A 307 8.86 -34.07 -11.40
N ILE A 308 9.26 -33.56 -12.57
CA ILE A 308 9.09 -34.33 -13.81
C ILE A 308 9.81 -35.66 -13.75
N PRO A 309 11.11 -35.72 -13.41
CA PRO A 309 11.76 -37.04 -13.32
C PRO A 309 11.16 -37.94 -12.27
N PHE A 310 10.73 -37.37 -11.14
CA PHE A 310 10.10 -38.15 -10.08
C PHE A 310 8.84 -38.84 -10.59
N LEU A 311 8.00 -38.10 -11.34
CA LEU A 311 6.78 -38.70 -11.86
C LEU A 311 7.07 -39.68 -12.99
N ARG A 312 8.05 -39.37 -13.84
CA ARG A 312 8.40 -40.28 -14.93
C ARG A 312 8.78 -41.65 -14.38
N GLU A 313 9.56 -41.69 -13.31
CA GLU A 313 9.98 -42.99 -12.79
C GLU A 313 8.87 -43.67 -12.01
N LYS A 314 7.82 -42.94 -11.64
CA LYS A 314 6.60 -43.51 -11.10
C LYS A 314 5.68 -44.09 -12.17
N GLY A 315 6.04 -43.92 -13.44
CA GLY A 315 5.28 -44.47 -14.54
C GLY A 315 4.38 -43.50 -15.28
N VAL A 316 4.44 -42.21 -14.97
CA VAL A 316 3.62 -41.26 -15.72
C VAL A 316 4.24 -41.09 -17.09
N PRO A 317 3.49 -41.33 -18.17
CA PRO A 317 4.05 -41.20 -19.52
C PRO A 317 4.47 -39.79 -19.84
N GLN A 318 5.45 -39.66 -20.73
CA GLN A 318 5.92 -38.34 -21.12
C GLN A 318 4.78 -37.53 -21.74
N GLU A 319 3.91 -38.18 -22.52
CA GLU A 319 2.80 -37.48 -23.16
C GLU A 319 1.87 -36.88 -22.11
N THR A 320 1.65 -37.58 -20.99
CA THR A 320 0.83 -37.02 -19.92
C THR A 320 1.49 -35.81 -19.29
N LEU A 321 2.81 -35.87 -19.08
CA LEU A 321 3.50 -34.75 -18.44
C LEU A 321 3.55 -33.55 -19.37
N ALA A 322 3.70 -33.78 -20.67
CA ALA A 322 3.64 -32.68 -21.63
C ALA A 322 2.24 -32.09 -21.67
N GLY A 323 1.22 -32.94 -21.58
CA GLY A 323 -0.15 -32.43 -21.51
C GLY A 323 -0.38 -31.54 -20.32
N ILE A 324 0.17 -31.90 -19.15
CA ILE A 324 -0.04 -31.09 -17.96
C ILE A 324 0.72 -29.78 -18.05
N THR A 325 1.94 -29.79 -18.59
CA THR A 325 2.82 -28.62 -18.54
C THR A 325 2.73 -27.72 -19.77
N VAL A 326 2.19 -28.22 -20.88
CA VAL A 326 2.08 -27.42 -22.10
C VAL A 326 0.62 -27.25 -22.47
N THR A 327 -0.09 -28.37 -22.64
CA THR A 327 -1.45 -28.28 -23.20
C THR A 327 -2.42 -27.60 -22.23
N ASN A 328 -2.42 -28.03 -20.96
CA ASN A 328 -3.39 -27.47 -20.01
C ASN A 328 -3.18 -25.98 -19.80
N PRO A 329 -1.96 -25.47 -19.59
CA PRO A 329 -1.82 -24.01 -19.41
C PRO A 329 -2.24 -23.23 -20.64
N ALA A 330 -1.96 -23.76 -21.84
CA ALA A 330 -2.36 -23.08 -23.06
C ALA A 330 -3.88 -22.98 -23.15
N ARG A 331 -4.58 -24.09 -22.85
CA ARG A 331 -6.03 -24.09 -22.90
C ARG A 331 -6.62 -23.16 -21.86
N PHE A 332 -6.03 -23.15 -20.66
CA PHE A 332 -6.49 -22.31 -19.56
C PHE A 332 -6.30 -20.83 -19.88
N LEU A 333 -5.11 -20.46 -20.37
CA LEU A 333 -4.77 -19.05 -20.55
C LEU A 333 -5.40 -18.43 -21.79
N SER A 334 -5.72 -19.24 -22.80
N SER A 334 -5.72 -19.23 -22.80
CA SER A 334 -6.36 -18.71 -24.01
CA SER A 334 -6.33 -18.70 -24.01
C SER A 334 -7.68 -18.05 -23.65
C SER A 334 -7.68 -18.06 -23.69
N PRO A 335 -7.89 -16.78 -24.02
CA PRO A 335 -9.17 -16.14 -23.70
C PRO A 335 -10.31 -16.78 -24.50
N THR A 336 -11.44 -16.92 -23.84
CA THR A 336 -12.64 -17.48 -24.49
C THR A 336 -13.61 -16.36 -24.87
N ILE B 1 16.31 41.21 13.30
CA ILE B 1 16.89 41.44 11.98
C ILE B 1 16.77 40.20 11.10
N SER B 2 17.15 39.04 11.64
CA SER B 2 17.22 37.82 10.84
C SER B 2 15.86 37.32 10.37
N GLU B 3 14.77 37.86 10.91
CA GLU B 3 13.42 37.44 10.44
C GLU B 3 13.18 37.97 9.02
N PHE B 4 13.89 39.03 8.62
CA PHE B 4 13.68 39.68 7.30
C PHE B 4 14.65 39.13 6.22
N ILE B 5 15.58 38.27 6.60
CA ILE B 5 16.63 37.80 5.64
C ILE B 5 16.21 36.46 5.04
N THR B 6 16.06 36.41 3.72
CA THR B 6 15.66 35.16 3.02
C THR B 6 16.78 34.61 2.13
N ASN B 7 17.77 35.44 1.77
CA ASN B 7 18.82 35.00 0.80
C ASN B 7 19.91 34.15 1.48
N SER B 8 19.73 33.76 2.76
CA SER B 8 20.74 32.97 3.51
C SER B 8 20.12 32.37 4.82
N GLY B 9 20.83 31.49 5.57
CA GLY B 9 20.35 30.85 6.83
C GLY B 9 20.10 29.32 6.79
N ASP B 10 19.69 28.65 7.91
CA ASP B 10 19.39 27.23 7.86
C ASP B 10 18.12 26.98 7.04
N ARG B 11 17.86 25.70 6.73
CA ARG B 11 16.94 25.38 5.65
C ARG B 11 16.04 24.19 5.99
N ILE B 12 14.88 24.17 5.33
CA ILE B 12 13.86 23.13 5.47
C ILE B 12 13.72 22.44 4.12
N ASN B 13 13.65 21.12 4.14
CA ASN B 13 13.51 20.36 2.90
C ASN B 13 12.07 20.36 2.41
N THR B 14 11.88 20.66 1.13
CA THR B 14 10.58 20.64 0.47
C THR B 14 10.66 19.75 -0.76
N VAL B 15 9.51 19.55 -1.41
CA VAL B 15 9.51 18.74 -2.63
C VAL B 15 10.20 19.44 -3.79
N ARG B 16 10.59 20.70 -3.64
CA ARG B 16 11.39 21.41 -4.65
C ARG B 16 12.83 21.62 -4.23
N GLY B 17 13.24 21.06 -3.09
CA GLY B 17 14.57 21.30 -2.57
C GLY B 17 14.53 22.11 -1.28
N PRO B 18 15.70 22.54 -0.82
CA PRO B 18 15.76 23.27 0.45
C PRO B 18 15.27 24.71 0.31
N ILE B 19 14.58 25.18 1.34
CA ILE B 19 14.18 26.57 1.43
C ILE B 19 14.64 27.09 2.78
N THR B 20 14.87 28.40 2.84
CA THR B 20 15.24 29.01 4.11
C THR B 20 14.01 29.11 5.01
N ILE B 21 14.26 29.10 6.33
CA ILE B 21 13.17 29.17 7.29
C ILE B 21 12.32 30.40 7.03
N SER B 22 12.96 31.51 6.64
CA SER B 22 12.24 32.74 6.35
C SER B 22 11.28 32.59 5.17
N GLU B 23 11.64 31.76 4.18
CA GLU B 23 10.81 31.58 3.00
C GLU B 23 9.55 30.79 3.27
N ALA B 24 9.50 30.03 4.37
CA ALA B 24 8.33 29.18 4.63
C ALA B 24 7.06 30.02 4.78
N GLY B 25 7.16 31.17 5.47
CA GLY B 25 6.00 32.04 5.64
C GLY B 25 4.82 31.36 6.31
N PHE B 26 3.62 31.84 5.97
CA PHE B 26 2.38 31.27 6.47
C PHE B 26 2.32 29.80 6.09
N THR B 27 2.33 28.91 7.09
CA THR B 27 2.43 27.47 6.87
C THR B 27 1.26 26.73 7.50
N LEU B 28 0.58 25.91 6.68
CA LEU B 28 -0.41 24.95 7.17
C LEU B 28 0.33 23.65 7.49
N THR B 29 0.26 23.20 8.74
CA THR B 29 1.14 22.14 9.22
C THR B 29 0.57 20.74 9.08
N HIS B 30 -0.69 20.59 8.63
CA HIS B 30 -1.27 19.25 8.49
C HIS B 30 -2.29 19.29 7.35
N GLU B 31 -1.85 18.88 6.16
CA GLU B 31 -2.68 18.88 4.96
C GLU B 31 -2.36 17.64 4.14
N HIS B 32 -3.12 17.45 3.07
CA HIS B 32 -2.91 16.36 2.12
C HIS B 32 -3.19 16.85 0.73
N ILE B 33 -2.30 16.58 -0.22
CA ILE B 33 -2.71 16.74 -1.61
C ILE B 33 -3.72 15.67 -1.98
N CYS B 34 -3.41 14.41 -1.66
CA CYS B 34 -4.31 13.31 -2.00
C CYS B 34 -4.21 12.23 -0.94
N GLY B 35 -5.32 11.93 -0.29
CA GLY B 35 -5.35 10.88 0.72
C GLY B 35 -5.72 9.57 0.05
N SER B 36 -4.76 8.67 -0.10
CA SER B 36 -5.02 7.47 -0.88
C SER B 36 -4.34 6.28 -0.21
N SER B 37 -3.85 5.35 -1.02
CA SER B 37 -3.11 4.19 -0.56
C SER B 37 -1.87 4.01 -1.44
N ALA B 38 -0.86 3.33 -0.89
CA ALA B 38 0.36 3.14 -1.66
C ALA B 38 0.04 2.50 -3.01
N GLY B 39 0.65 3.05 -4.07
CA GLY B 39 0.49 2.55 -5.42
C GLY B 39 -0.85 2.84 -6.08
N PHE B 40 -1.84 3.35 -5.33
CA PHE B 40 -3.21 3.40 -5.85
C PHE B 40 -3.38 4.46 -6.92
N LEU B 41 -2.81 5.66 -6.70
CA LEU B 41 -2.96 6.72 -7.70
C LEU B 41 -2.35 6.30 -9.04
N ARG B 42 -1.24 5.56 -9.01
CA ARG B 42 -0.60 5.10 -10.23
C ARG B 42 -1.38 3.96 -10.90
N ALA B 43 -2.02 3.11 -10.10
CA ALA B 43 -2.72 1.95 -10.63
C ALA B 43 -4.12 2.29 -11.12
N TRP B 44 -4.76 3.30 -10.54
CA TRP B 44 -6.15 3.57 -10.87
C TRP B 44 -6.40 5.07 -10.86
N PRO B 45 -5.72 5.83 -11.71
CA PRO B 45 -5.93 7.29 -11.70
C PRO B 45 -7.35 7.68 -12.08
N GLU B 46 -8.06 6.83 -12.83
CA GLU B 46 -9.44 7.14 -13.21
C GLU B 46 -10.37 7.23 -12.01
N PHE B 47 -9.96 6.68 -10.86
CA PHE B 47 -10.75 6.88 -9.66
C PHE B 47 -10.93 8.36 -9.36
N PHE B 48 -9.91 9.17 -9.68
CA PHE B 48 -9.92 10.61 -9.45
C PHE B 48 -10.31 11.40 -10.70
N GLY B 49 -11.00 10.78 -11.65
CA GLY B 49 -11.22 11.38 -12.94
C GLY B 49 -10.07 11.05 -13.86
N SER B 50 -8.92 11.65 -13.55
CA SER B 50 -7.64 11.36 -14.21
C SER B 50 -6.57 11.98 -13.34
N ARG B 51 -5.32 11.57 -13.57
CA ARG B 51 -4.23 12.23 -12.89
C ARG B 51 -4.19 13.72 -13.22
N ALA B 52 -4.41 14.07 -14.51
CA ALA B 52 -4.39 15.47 -14.90
C ALA B 52 -5.49 16.26 -14.20
N ALA B 53 -6.67 15.65 -14.04
CA ALA B 53 -7.74 16.34 -13.33
C ALA B 53 -7.37 16.57 -11.86
N LEU B 54 -6.74 15.59 -11.22
CA LEU B 54 -6.33 15.76 -9.83
C LEU B 54 -5.27 16.85 -9.71
N VAL B 55 -4.31 16.87 -10.64
CA VAL B 55 -3.28 17.92 -10.62
C VAL B 55 -3.94 19.28 -10.73
N GLU B 56 -4.83 19.45 -11.72
CA GLU B 56 -5.47 20.75 -11.94
C GLU B 56 -6.28 21.18 -10.72
N LYS B 57 -7.03 20.24 -10.12
CA LYS B 57 -7.81 20.55 -8.93
C LYS B 57 -6.91 21.00 -7.78
N ALA B 58 -5.80 20.29 -7.56
CA ALA B 58 -4.89 20.63 -6.48
C ALA B 58 -4.20 21.96 -6.73
N VAL B 59 -3.79 22.21 -7.98
CA VAL B 59 -3.11 23.48 -8.28
C VAL B 59 -4.06 24.65 -8.06
N ARG B 60 -5.31 24.51 -8.51
CA ARG B 60 -6.29 25.58 -8.26
C ARG B 60 -6.51 25.77 -6.77
N GLY B 61 -6.64 24.68 -6.02
CA GLY B 61 -6.86 24.81 -4.59
C GLY B 61 -5.67 25.44 -3.88
N LEU B 62 -4.46 25.09 -4.28
CA LEU B 62 -3.26 25.68 -3.68
C LEU B 62 -3.13 27.15 -4.05
N ARG B 63 -3.49 27.51 -5.29
CA ARG B 63 -3.46 28.92 -5.68
C ARG B 63 -4.47 29.74 -4.89
N ARG B 64 -5.64 29.16 -4.61
CA ARG B 64 -6.62 29.83 -3.76
C ARG B 64 -6.05 30.07 -2.37
N ALA B 65 -5.40 29.04 -1.79
CA ALA B 65 -4.78 29.22 -0.48
C ALA B 65 -3.67 30.27 -0.54
N ARG B 66 -2.88 30.28 -1.62
CA ARG B 66 -1.78 31.23 -1.74
C ARG B 66 -2.31 32.66 -1.81
N ALA B 67 -3.38 32.88 -2.57
CA ALA B 67 -3.95 34.22 -2.65
C ALA B 67 -4.44 34.68 -1.28
N ALA B 68 -4.84 33.73 -0.44
CA ALA B 68 -5.27 34.05 0.92
C ALA B 68 -4.11 34.19 1.89
N GLY B 69 -2.87 33.97 1.45
CA GLY B 69 -1.70 34.22 2.26
C GLY B 69 -0.86 32.99 2.55
N VAL B 70 -1.34 31.79 2.25
CA VAL B 70 -0.55 30.60 2.52
C VAL B 70 0.66 30.56 1.61
N ARG B 71 1.81 30.20 2.18
CA ARG B 71 3.02 30.04 1.40
C ARG B 71 3.59 28.64 1.44
N THR B 72 3.30 27.86 2.48
CA THR B 72 3.82 26.51 2.64
C THR B 72 2.73 25.61 3.20
N ILE B 73 2.66 24.37 2.72
CA ILE B 73 1.88 23.36 3.42
C ILE B 73 2.78 22.18 3.76
N VAL B 74 2.44 21.49 4.84
CA VAL B 74 3.09 20.24 5.21
C VAL B 74 2.12 19.13 4.81
N ASP B 75 2.51 18.33 3.82
CA ASP B 75 1.70 17.20 3.40
C ASP B 75 2.09 16.02 4.27
N VAL B 76 1.20 15.66 5.20
CA VAL B 76 1.53 14.64 6.18
C VAL B 76 1.01 13.27 5.72
N SER B 77 0.86 13.09 4.40
CA SER B 77 0.58 11.77 3.84
C SER B 77 1.82 10.89 3.87
N THR B 78 1.70 9.72 4.50
CA THR B 78 2.79 8.75 4.52
C THR B 78 2.73 7.83 3.31
N PHE B 79 3.73 6.94 3.23
CA PHE B 79 3.71 5.83 2.28
C PHE B 79 2.34 5.16 2.21
N ASP B 80 1.80 4.75 3.35
CA ASP B 80 0.58 3.95 3.31
C ASP B 80 -0.69 4.80 3.15
N ALA B 81 -0.57 6.12 3.25
CA ALA B 81 -1.64 7.02 2.84
C ALA B 81 -1.50 7.41 1.37
N GLY B 82 -0.68 6.70 0.61
CA GLY B 82 -0.62 6.93 -0.82
C GLY B 82 0.14 8.15 -1.26
N ARG B 83 1.01 8.70 -0.40
CA ARG B 83 1.86 9.81 -0.79
C ARG B 83 2.55 9.52 -2.13
N ASP B 84 2.40 10.44 -3.08
CA ASP B 84 3.10 10.40 -4.36
C ASP B 84 3.88 11.70 -4.45
N VAL B 85 5.16 11.67 -4.06
CA VAL B 85 5.91 12.93 -3.98
C VAL B 85 6.11 13.54 -5.36
N SER B 86 6.03 12.73 -6.42
CA SER B 86 6.10 13.30 -7.76
C SER B 86 4.86 14.16 -8.05
N LEU B 87 3.71 13.76 -7.53
CA LEU B 87 2.51 14.59 -7.63
C LEU B 87 2.69 15.88 -6.83
N LEU B 88 3.18 15.76 -5.60
CA LEU B 88 3.41 16.92 -4.75
C LEU B 88 4.36 17.91 -5.43
N ALA B 89 5.45 17.41 -6.01
CA ALA B 89 6.40 18.29 -6.67
C ALA B 89 5.76 19.03 -7.84
N GLU B 90 4.95 18.33 -8.64
CA GLU B 90 4.32 18.97 -9.79
C GLU B 90 3.35 20.06 -9.36
N VAL B 91 2.49 19.77 -8.37
CA VAL B 91 1.53 20.79 -7.96
C VAL B 91 2.23 21.94 -7.24
N SER B 92 3.30 21.66 -6.49
CA SER B 92 4.04 22.71 -5.81
C SER B 92 4.66 23.68 -6.81
N ARG B 93 5.27 23.14 -7.86
CA ARG B 93 5.85 23.99 -8.88
C ARG B 93 4.79 24.83 -9.59
N ALA B 94 3.65 24.22 -9.93
CA ALA B 94 2.62 24.94 -10.68
C ALA B 94 1.95 26.01 -9.82
N ALA B 95 1.73 25.73 -8.53
CA ALA B 95 1.07 26.67 -7.66
C ALA B 95 2.01 27.64 -6.96
N ASP B 96 3.33 27.39 -7.00
CA ASP B 96 4.33 28.14 -6.23
C ASP B 96 3.95 28.19 -4.75
N VAL B 97 3.59 27.04 -4.21
CA VAL B 97 3.38 26.86 -2.78
C VAL B 97 4.35 25.78 -2.34
N HIS B 98 5.16 26.08 -1.32
CA HIS B 98 6.09 25.08 -0.80
C HIS B 98 5.32 23.92 -0.20
N ILE B 99 5.81 22.69 -0.42
CA ILE B 99 5.22 21.51 0.20
C ILE B 99 6.33 20.71 0.88
N VAL B 100 6.20 20.51 2.18
CA VAL B 100 7.07 19.61 2.93
C VAL B 100 6.45 18.22 2.90
N ALA B 101 7.25 17.22 2.52
CA ALA B 101 6.76 15.85 2.48
C ALA B 101 7.07 15.14 3.79
N ALA B 102 6.37 14.03 4.01
CA ALA B 102 6.44 13.27 5.25
C ALA B 102 6.95 11.85 5.00
N THR B 103 7.65 11.31 6.00
CA THR B 103 7.82 9.87 6.16
C THR B 103 6.96 9.41 7.34
N GLY B 104 7.19 8.17 7.80
CA GLY B 104 6.41 7.59 8.89
C GLY B 104 5.42 6.57 8.36
N LEU B 105 4.47 6.21 9.23
CA LEU B 105 3.40 5.30 8.83
C LEU B 105 2.10 5.76 9.47
N TRP B 106 1.01 5.61 8.72
CA TRP B 106 -0.33 6.05 9.11
C TRP B 106 -1.16 4.82 9.51
N GLU B 107 -2.46 4.79 9.22
CA GLU B 107 -3.38 3.79 9.76
C GLU B 107 -3.52 2.54 8.88
N ASP B 108 -2.80 2.45 7.78
CA ASP B 108 -3.06 1.36 6.84
C ASP B 108 -1.75 0.73 6.33
N PRO B 109 -0.82 0.36 7.20
CA PRO B 109 0.42 -0.25 6.72
C PRO B 109 0.15 -1.61 6.10
N PRO B 110 0.77 -1.91 4.97
CA PRO B 110 0.65 -3.25 4.39
C PRO B 110 1.48 -4.27 5.16
N LEU B 111 1.33 -5.54 4.75
CA LEU B 111 2.11 -6.61 5.37
C LEU B 111 3.60 -6.34 5.35
N SER B 112 4.12 -5.80 4.24
CA SER B 112 5.56 -5.57 4.14
C SER B 112 6.07 -4.53 5.14
N MET B 113 5.18 -3.69 5.70
CA MET B 113 5.55 -2.82 6.82
C MET B 113 5.20 -3.42 8.17
N ARG B 114 4.02 -4.04 8.30
N ARG B 114 4.02 -4.05 8.28
CA ARG B 114 3.56 -4.55 9.60
CA ARG B 114 3.53 -4.58 9.54
C ARG B 114 4.45 -5.65 10.16
C ARG B 114 4.45 -5.63 10.13
N LEU B 115 5.19 -6.34 9.30
CA LEU B 115 6.07 -7.41 9.72
C LEU B 115 7.47 -6.91 10.12
N ARG B 116 7.72 -5.61 10.06
CA ARG B 116 9.07 -5.11 10.26
C ARG B 116 9.35 -4.81 11.72
N SER B 117 10.63 -4.88 12.08
CA SER B 117 11.11 -4.58 13.42
C SER B 117 11.24 -3.08 13.62
N VAL B 118 11.37 -2.67 14.89
CA VAL B 118 11.61 -1.26 15.17
C VAL B 118 12.90 -0.80 14.50
N GLU B 119 13.93 -1.64 14.48
CA GLU B 119 15.18 -1.27 13.81
C GLU B 119 14.97 -1.12 12.31
N GLU B 120 14.20 -2.01 11.70
CA GLU B 120 13.92 -1.90 10.26
C GLU B 120 13.12 -0.64 9.95
N LEU B 121 12.05 -0.39 10.72
CA LEU B 121 11.26 0.82 10.50
C LEU B 121 12.12 2.07 10.66
N THR B 122 13.03 2.06 11.64
CA THR B 122 13.94 3.19 11.79
C THR B 122 14.74 3.42 10.52
N GLN B 123 15.26 2.34 9.92
CA GLN B 123 16.03 2.49 8.69
C GLN B 123 15.18 3.04 7.55
N PHE B 124 13.92 2.62 7.46
CA PHE B 124 13.07 3.12 6.39
C PHE B 124 12.78 4.61 6.57
N PHE B 125 12.46 5.04 7.80
CA PHE B 125 12.24 6.46 8.04
C PHE B 125 13.50 7.27 7.74
N LEU B 126 14.66 6.78 8.18
CA LEU B 126 15.92 7.47 7.89
C LEU B 126 16.16 7.55 6.39
N ARG B 127 15.84 6.48 5.66
CA ARG B 127 16.00 6.48 4.21
C ARG B 127 15.26 7.65 3.56
N GLU B 128 13.99 7.82 3.94
CA GLU B 128 13.20 8.87 3.30
C GLU B 128 13.61 10.27 3.73
N ILE B 129 14.27 10.40 4.88
CA ILE B 129 14.75 11.71 5.36
C ILE B 129 16.14 12.04 4.82
N GLN B 130 17.04 11.06 4.85
CA GLN B 130 18.45 11.29 4.57
C GLN B 130 18.84 11.02 3.13
N TYR B 131 18.20 10.05 2.49
CA TYR B 131 18.52 9.70 1.11
C TYR B 131 17.52 10.28 0.12
N GLY B 132 16.24 10.07 0.37
CA GLY B 132 15.20 10.54 -0.53
C GLY B 132 14.05 9.57 -0.59
N ILE B 133 12.92 10.06 -1.09
CA ILE B 133 11.72 9.24 -1.22
C ILE B 133 11.72 8.59 -2.60
N GLU B 134 11.57 7.26 -2.62
CA GLU B 134 11.61 6.46 -3.86
C GLU B 134 12.90 6.81 -4.60
N ASP B 135 12.85 7.12 -5.89
CA ASP B 135 14.01 7.52 -6.67
C ASP B 135 13.96 9.00 -7.06
N THR B 136 13.24 9.80 -6.28
CA THR B 136 13.04 11.21 -6.62
C THR B 136 14.09 12.14 -6.03
N GLY B 137 14.83 11.71 -5.02
CA GLY B 137 15.74 12.59 -4.32
C GLY B 137 15.06 13.61 -3.42
N ILE B 138 13.73 13.58 -3.34
CA ILE B 138 12.99 14.48 -2.46
C ILE B 138 13.08 13.93 -1.04
N ARG B 139 13.54 14.75 -0.11
CA ARG B 139 13.75 14.32 1.27
C ARG B 139 12.60 14.75 2.17
N ALA B 140 12.15 13.83 3.02
CA ALA B 140 11.07 14.15 3.96
C ALA B 140 11.56 15.14 5.00
N GLY B 141 10.67 16.07 5.39
CA GLY B 141 10.96 17.04 6.42
C GLY B 141 10.17 16.86 7.70
N ILE B 142 9.38 15.80 7.83
CA ILE B 142 8.60 15.54 9.03
C ILE B 142 8.29 14.04 9.07
N ILE B 143 8.05 13.53 10.26
CA ILE B 143 7.71 12.12 10.46
C ILE B 143 6.31 12.04 11.05
N LYS B 144 5.43 11.30 10.37
CA LYS B 144 4.02 11.17 10.74
C LYS B 144 3.75 9.78 11.31
N VAL B 145 3.04 9.71 12.44
CA VAL B 145 2.68 8.45 13.08
C VAL B 145 1.22 8.52 13.50
N ALA B 146 0.65 7.36 13.88
CA ALA B 146 -0.78 7.33 14.17
C ALA B 146 -1.14 6.30 15.23
N THR B 147 -2.12 6.66 16.07
CA THR B 147 -2.85 5.72 16.91
C THR B 147 -4.33 6.06 16.80
N GLN B 148 -5.19 5.06 17.07
CA GLN B 148 -6.64 5.28 17.16
C GLN B 148 -7.11 4.57 18.42
N GLY B 149 -6.91 5.21 19.57
CA GLY B 149 -7.04 4.51 20.83
C GLY B 149 -5.71 3.96 21.29
N LYS B 150 -5.77 3.02 22.23
CA LYS B 150 -4.56 2.38 22.72
C LYS B 150 -3.77 1.81 21.56
N ALA B 151 -2.47 2.10 21.55
CA ALA B 151 -1.61 1.68 20.45
C ALA B 151 -1.58 0.16 20.33
N THR B 152 -1.68 -0.34 19.10
CA THR B 152 -1.35 -1.72 18.84
C THR B 152 0.13 -1.94 19.06
N PRO B 153 0.56 -3.19 19.26
CA PRO B 153 2.01 -3.43 19.40
C PRO B 153 2.81 -2.89 18.23
N PHE B 154 2.28 -2.99 17.01
CA PHE B 154 3.01 -2.45 15.88
C PHE B 154 3.09 -0.93 15.95
N GLN B 155 2.00 -0.27 16.32
CA GLN B 155 2.04 1.18 16.42
C GLN B 155 3.06 1.64 17.45
N GLU B 156 3.27 0.88 18.52
CA GLU B 156 4.34 1.18 19.46
C GLU B 156 5.70 1.18 18.78
N LEU B 157 5.96 0.16 17.96
CA LEU B 157 7.22 0.13 17.21
C LEU B 157 7.35 1.34 16.31
N VAL B 158 6.26 1.72 15.64
CA VAL B 158 6.28 2.88 14.76
C VAL B 158 6.62 4.14 15.54
N LEU B 159 5.98 4.33 16.71
CA LEU B 159 6.25 5.50 17.53
C LEU B 159 7.71 5.55 17.97
N ARG B 160 8.29 4.40 18.33
CA ARG B 160 9.67 4.38 18.78
C ARG B 160 10.62 4.63 17.62
N ALA B 161 10.35 4.03 16.46
CA ALA B 161 11.18 4.26 15.29
C ALA B 161 11.13 5.73 14.86
N ALA B 162 9.95 6.35 14.96
CA ALA B 162 9.83 7.78 14.65
C ALA B 162 10.71 8.60 15.59
N ALA B 163 10.65 8.29 16.89
CA ALA B 163 11.46 9.03 17.85
C ALA B 163 12.95 8.86 17.54
N ARG B 164 13.36 7.65 17.20
CA ARG B 164 14.77 7.41 16.91
C ARG B 164 15.19 8.12 15.63
N ALA B 165 14.35 8.07 14.59
CA ALA B 165 14.67 8.80 13.36
C ALA B 165 14.70 10.30 13.61
N SER B 166 13.81 10.81 14.46
CA SER B 166 13.78 12.23 14.77
C SER B 166 15.04 12.66 15.51
N LEU B 167 15.44 11.90 16.53
CA LEU B 167 16.67 12.23 17.24
C LEU B 167 17.87 12.19 16.30
N ALA B 168 17.91 11.23 15.38
CA ALA B 168 19.06 11.08 14.50
C ALA B 168 19.14 12.18 13.45
N THR B 169 18.00 12.74 13.03
CA THR B 169 17.97 13.67 11.90
C THR B 169 17.63 15.10 12.29
N GLY B 170 17.01 15.30 13.45
CA GLY B 170 16.52 16.61 13.84
C GLY B 170 15.17 16.99 13.28
N VAL B 171 14.55 16.17 12.44
CA VAL B 171 13.25 16.55 11.88
C VAL B 171 12.16 16.20 12.89
N PRO B 172 11.07 16.96 12.92
CA PRO B 172 10.05 16.76 13.97
C PRO B 172 9.11 15.61 13.67
N VAL B 173 8.26 15.34 14.65
CA VAL B 173 7.28 14.26 14.62
C VAL B 173 5.88 14.86 14.76
N THR B 174 4.94 14.35 13.97
CA THR B 174 3.55 14.81 14.03
C THR B 174 2.62 13.60 14.04
N THR B 175 1.52 13.68 14.79
CA THR B 175 0.74 12.49 15.06
C THR B 175 -0.73 12.63 14.71
N HIS B 176 -1.32 11.48 14.43
CA HIS B 176 -2.76 11.27 14.31
C HIS B 176 -3.25 10.67 15.62
N THR B 177 -4.35 11.20 16.16
CA THR B 177 -4.92 10.67 17.40
C THR B 177 -6.42 10.42 17.25
N PHE B 178 -6.94 9.56 18.13
CA PHE B 178 -8.34 9.62 18.55
C PHE B 178 -8.33 10.52 19.78
N ALA B 179 -8.58 11.82 19.57
CA ALA B 179 -8.41 12.79 20.66
C ALA B 179 -9.35 12.48 21.82
N SER B 180 -10.55 11.98 21.52
CA SER B 180 -11.52 11.64 22.57
C SER B 180 -11.04 10.51 23.48
N GLN B 181 -10.08 9.71 23.03
CA GLN B 181 -9.48 8.68 23.87
C GLN B 181 -8.16 9.14 24.50
N ARG B 182 -7.83 10.42 24.36
CA ARG B 182 -6.64 11.00 25.00
C ARG B 182 -5.35 10.32 24.54
N ASP B 183 -5.30 9.92 23.26
CA ASP B 183 -4.15 9.20 22.72
C ASP B 183 -2.83 9.92 22.96
N GLY B 184 -2.85 11.25 22.93
CA GLY B 184 -1.62 12.02 23.07
C GLY B 184 -0.86 11.69 24.35
N GLU B 185 -1.57 11.25 25.39
CA GLU B 185 -0.88 10.92 26.64
C GLU B 185 0.00 9.68 26.47
N GLN B 186 -0.52 8.61 25.86
CA GLN B 186 0.32 7.43 25.63
C GLN B 186 1.42 7.74 24.62
N GLN B 187 1.10 8.49 23.57
CA GLN B 187 2.13 8.86 22.59
C GLN B 187 3.27 9.60 23.27
N ALA B 188 2.93 10.58 24.12
CA ALA B 188 3.94 11.34 24.85
C ALA B 188 4.80 10.41 25.72
N ALA B 189 4.18 9.44 26.38
CA ALA B 189 4.94 8.54 27.24
C ALA B 189 5.95 7.73 26.44
N ILE B 190 5.55 7.22 25.28
CA ILE B 190 6.45 6.42 24.46
C ILE B 190 7.57 7.30 23.91
N PHE B 191 7.22 8.48 23.41
CA PHE B 191 8.22 9.42 22.92
C PHE B 191 9.22 9.79 24.02
N GLU B 192 8.72 10.08 25.22
CA GLU B 192 9.63 10.46 26.30
C GLU B 192 10.48 9.29 26.75
N SER B 193 9.95 8.07 26.69
CA SER B 193 10.79 6.89 26.98
C SER B 193 11.93 6.74 26.00
N GLU B 194 11.82 7.35 24.81
CA GLU B 194 12.90 7.33 23.84
C GLU B 194 13.78 8.58 23.91
N GLY B 195 13.47 9.52 24.81
CA GLY B 195 14.30 10.71 24.94
C GLY B 195 13.99 11.83 23.97
N LEU B 196 12.84 11.78 23.31
CA LEU B 196 12.47 12.84 22.37
C LEU B 196 11.96 14.06 23.11
N SER B 197 12.36 15.26 22.65
CA SER B 197 11.87 16.46 23.31
C SER B 197 10.43 16.75 22.91
N PRO B 198 9.56 17.10 23.85
CA PRO B 198 8.17 17.42 23.46
C PRO B 198 8.06 18.54 22.44
N SER B 199 9.01 19.49 22.45
CA SER B 199 8.97 20.62 21.52
C SER B 199 9.14 20.17 20.07
N ARG B 200 9.54 18.93 19.84
CA ARG B 200 9.70 18.38 18.50
C ARG B 200 8.52 17.50 18.10
N VAL B 201 7.41 17.54 18.86
CA VAL B 201 6.28 16.63 18.69
C VAL B 201 4.99 17.44 18.62
N CYS B 202 4.21 17.23 17.57
CA CYS B 202 2.86 17.79 17.48
C CYS B 202 1.85 16.67 17.65
N ILE B 203 0.98 16.82 18.64
CA ILE B 203 -0.11 15.88 18.89
C ILE B 203 -1.31 16.35 18.08
N GLY B 204 -1.61 15.61 17.01
CA GLY B 204 -2.57 16.07 16.02
C GLY B 204 -4.00 15.63 16.29
N HIS B 205 -4.89 16.17 15.45
CA HIS B 205 -6.34 15.99 15.58
C HIS B 205 -6.85 16.36 16.97
N SER B 206 -6.15 17.29 17.64
CA SER B 206 -6.48 17.63 19.01
C SER B 206 -7.74 18.49 19.10
N ASP B 207 -8.18 19.10 17.99
CA ASP B 207 -9.45 19.82 17.96
C ASP B 207 -10.65 18.89 17.81
N ASP B 208 -10.45 17.58 17.70
CA ASP B 208 -11.55 16.63 17.70
C ASP B 208 -12.15 16.45 19.09
N THR B 209 -11.56 17.02 20.13
CA THR B 209 -12.04 16.87 21.49
C THR B 209 -12.36 18.23 22.11
N ASP B 210 -13.27 18.22 23.08
CA ASP B 210 -13.58 19.42 23.85
C ASP B 210 -12.87 19.44 25.20
N ASP B 211 -12.09 18.42 25.52
CA ASP B 211 -11.44 18.27 26.83
C ASP B 211 -10.22 19.18 26.89
N LEU B 212 -10.41 20.38 27.42
CA LEU B 212 -9.32 21.34 27.51
C LEU B 212 -8.27 20.91 28.52
N SER B 213 -8.68 20.20 29.58
CA SER B 213 -7.69 19.78 30.57
C SER B 213 -6.69 18.80 29.96
N TYR B 214 -7.15 17.96 29.03
CA TYR B 214 -6.25 17.08 28.30
C TYR B 214 -5.29 17.87 27.43
N LEU B 215 -5.80 18.89 26.72
CA LEU B 215 -4.95 19.69 25.84
C LEU B 215 -3.97 20.54 26.63
N THR B 216 -4.46 21.24 27.66
CA THR B 216 -3.59 22.15 28.40
C THR B 216 -2.48 21.38 29.13
N ALA B 217 -2.78 20.15 29.59
CA ALA B 217 -1.75 19.35 30.27
C ALA B 217 -0.62 18.99 29.31
N LEU B 218 -0.96 18.59 28.08
CA LEU B 218 0.09 18.29 27.11
C LEU B 218 0.87 19.55 26.74
N ALA B 219 0.17 20.66 26.50
CA ALA B 219 0.85 21.92 26.14
C ALA B 219 1.78 22.38 27.25
N ALA B 220 1.36 22.20 28.51
CA ALA B 220 2.21 22.57 29.65
C ALA B 220 3.51 21.78 29.66
N ARG B 221 3.49 20.56 29.10
CA ARG B 221 4.68 19.72 29.03
C ARG B 221 5.59 20.06 27.85
N GLY B 222 5.23 21.04 27.03
CA GLY B 222 6.04 21.40 25.89
C GLY B 222 5.59 20.82 24.57
N TYR B 223 4.54 20.01 24.56
CA TYR B 223 4.04 19.45 23.31
C TYR B 223 3.37 20.53 22.49
N LEU B 224 3.47 20.37 21.17
CA LEU B 224 2.68 21.19 20.27
C LEU B 224 1.31 20.55 20.07
N ILE B 225 0.29 21.39 20.01
CA ILE B 225 -1.10 20.95 19.97
C ILE B 225 -1.63 21.23 18.57
N GLY B 226 -1.88 20.16 17.81
CA GLY B 226 -2.36 20.33 16.45
C GLY B 226 -3.86 20.47 16.37
N LEU B 227 -4.34 21.71 16.25
CA LEU B 227 -5.74 22.01 16.01
C LEU B 227 -5.91 22.10 14.49
N ASP B 228 -6.01 20.93 13.88
CA ASP B 228 -5.70 20.81 12.47
C ASP B 228 -6.88 20.43 11.59
N GLY B 229 -8.09 20.34 12.14
CA GLY B 229 -9.25 19.98 11.34
C GLY B 229 -10.40 20.97 11.47
N ILE B 230 -10.07 22.27 11.51
CA ILE B 230 -11.07 23.27 11.86
C ILE B 230 -12.30 23.23 10.97
N PRO B 231 -12.20 23.08 9.64
CA PRO B 231 -13.43 23.03 8.82
C PRO B 231 -14.11 21.67 8.77
N HIS B 232 -13.67 20.69 9.53
CA HIS B 232 -14.28 19.36 9.48
C HIS B 232 -15.59 19.40 10.24
N SER B 233 -16.71 19.36 9.52
CA SER B 233 -18.00 19.34 10.19
C SER B 233 -19.06 18.83 9.23
N ALA B 234 -19.93 17.96 9.74
CA ALA B 234 -21.06 17.44 8.97
C ALA B 234 -22.37 18.11 9.36
N ILE B 235 -22.30 19.29 9.97
CA ILE B 235 -23.52 20.03 10.22
C ILE B 235 -24.18 20.32 8.89
N GLY B 236 -25.47 20.06 8.81
CA GLY B 236 -26.18 20.15 7.55
C GLY B 236 -26.16 18.88 6.74
N LEU B 237 -25.31 17.91 7.11
CA LEU B 237 -25.23 16.63 6.43
C LEU B 237 -25.70 15.48 7.33
N GLU B 238 -26.68 15.74 8.19
CA GLU B 238 -27.02 14.77 9.22
C GLU B 238 -27.63 13.49 8.64
N ASP B 239 -28.17 13.54 7.43
CA ASP B 239 -28.71 12.34 6.80
C ASP B 239 -27.65 11.50 6.11
N ASN B 240 -26.41 11.97 6.09
CA ASN B 240 -25.29 11.29 5.43
C ASN B 240 -24.45 10.64 6.53
N ALA B 241 -24.61 9.33 6.70
CA ALA B 241 -23.95 8.64 7.80
C ALA B 241 -22.44 8.62 7.63
N SER B 242 -21.95 8.41 6.40
CA SER B 242 -20.50 8.34 6.21
C SER B 242 -19.85 9.69 6.44
N ALA B 243 -20.47 10.77 5.95
CA ALA B 243 -19.91 12.09 6.19
C ALA B 243 -19.98 12.47 7.67
N SER B 244 -21.08 12.13 8.34
CA SER B 244 -21.19 12.43 9.76
C SER B 244 -20.15 11.67 10.58
N ALA B 245 -19.91 10.40 10.24
CA ALA B 245 -18.91 9.63 10.99
C ALA B 245 -17.52 10.22 10.83
N LEU B 246 -17.19 10.68 9.64
CA LEU B 246 -15.83 11.17 9.36
C LEU B 246 -15.62 12.56 9.91
N LEU B 247 -16.58 13.46 9.69
CA LEU B 247 -16.37 14.88 9.96
C LEU B 247 -16.88 15.34 11.31
N GLY B 248 -17.75 14.56 11.96
CA GLY B 248 -18.27 14.92 13.26
C GLY B 248 -19.37 15.95 13.15
N ASN B 249 -20.06 16.16 14.27
CA ASN B 249 -21.17 17.11 14.33
C ASN B 249 -20.86 18.34 15.16
N ARG B 250 -19.58 18.54 15.51
CA ARG B 250 -19.15 19.79 16.13
C ARG B 250 -18.83 20.83 15.06
N SER B 251 -19.22 22.07 15.32
CA SER B 251 -19.09 23.13 14.33
C SER B 251 -17.63 23.56 14.19
N TRP B 252 -17.31 24.18 13.05
CA TRP B 252 -15.99 24.78 12.90
C TRP B 252 -15.78 25.88 13.92
N GLN B 253 -16.85 26.58 14.32
CA GLN B 253 -16.70 27.60 15.34
C GLN B 253 -16.26 26.99 16.66
N THR B 254 -16.86 25.86 17.03
CA THR B 254 -16.46 25.14 18.24
C THR B 254 -14.99 24.75 18.16
N ARG B 255 -14.56 24.21 17.03
CA ARG B 255 -13.16 23.86 16.87
C ARG B 255 -12.28 25.10 16.94
N ALA B 256 -12.66 26.17 16.24
CA ALA B 256 -11.86 27.39 16.23
C ALA B 256 -11.77 28.02 17.62
N LEU B 257 -12.82 27.90 18.43
CA LEU B 257 -12.76 28.50 19.76
C LEU B 257 -11.82 27.75 20.69
N LEU B 258 -11.42 26.52 20.35
CA LEU B 258 -10.34 25.86 21.07
C LEU B 258 -9.01 26.58 20.87
N ILE B 259 -8.81 27.18 19.68
CA ILE B 259 -7.61 27.99 19.47
C ILE B 259 -7.59 29.16 20.45
N LYS B 260 -8.72 29.88 20.53
CA LYS B 260 -8.80 31.02 21.44
C LYS B 260 -8.64 30.56 22.90
N ALA B 261 -9.24 29.42 23.24
CA ALA B 261 -9.14 28.92 24.62
C ALA B 261 -7.68 28.66 25.01
N LEU B 262 -6.92 28.01 24.14
CA LEU B 262 -5.52 27.78 24.46
C LEU B 262 -4.74 29.09 24.51
N ILE B 263 -5.05 30.03 23.62
CA ILE B 263 -4.43 31.36 23.69
C ILE B 263 -4.74 32.01 25.04
N ASP B 264 -6.00 31.99 25.45
CA ASP B 264 -6.42 32.67 26.67
C ASP B 264 -5.78 32.07 27.91
N GLN B 265 -5.43 30.78 27.87
CA GLN B 265 -4.81 30.10 28.98
C GLN B 265 -3.29 30.16 28.92
N GLY B 266 -2.74 30.90 27.96
CA GLY B 266 -1.32 31.18 27.92
C GLY B 266 -0.48 30.26 27.05
N TYR B 267 -1.09 29.45 26.19
CA TYR B 267 -0.38 28.43 25.44
C TYR B 267 -0.25 28.72 23.94
N MET B 268 -0.26 30.01 23.56
N MET B 268 -0.25 30.00 23.57
CA MET B 268 -0.21 30.35 22.13
CA MET B 268 -0.21 30.35 22.14
C MET B 268 1.04 29.76 21.47
C MET B 268 1.05 29.83 21.46
N LYS B 269 2.16 29.70 22.19
CA LYS B 269 3.38 29.22 21.57
C LYS B 269 3.35 27.73 21.29
N GLN B 270 2.37 27.01 21.84
CA GLN B 270 2.23 25.57 21.67
C GLN B 270 1.21 25.18 20.58
N ILE B 271 0.57 26.15 19.94
CA ILE B 271 -0.51 25.87 18.99
C ILE B 271 0.02 25.75 17.58
N LEU B 272 -0.46 24.75 16.84
CA LEU B 272 -0.39 24.75 15.39
C LEU B 272 -1.80 24.55 14.82
N VAL B 273 -2.09 25.22 13.71
CA VAL B 273 -3.43 25.22 13.14
C VAL B 273 -3.37 24.75 11.69
N SER B 274 -4.38 24.00 11.26
CA SER B 274 -4.43 23.56 9.87
C SER B 274 -5.88 23.17 9.54
N ASN B 275 -6.10 22.74 8.28
CA ASN B 275 -7.41 22.33 7.79
C ASN B 275 -7.58 20.82 7.72
N ASP B 276 -6.47 20.08 7.61
CA ASP B 276 -6.51 18.66 7.27
C ASP B 276 -7.42 18.43 6.07
N TRP B 277 -7.19 19.21 5.03
CA TRP B 277 -7.94 19.11 3.79
C TRP B 277 -7.21 18.23 2.78
N LEU B 278 -7.88 17.93 1.67
CA LEU B 278 -7.37 17.07 0.63
C LEU B 278 -7.98 17.54 -0.68
N PHE B 279 -7.33 17.19 -1.80
CA PHE B 279 -7.91 17.42 -3.12
C PHE B 279 -8.33 16.13 -3.80
N GLY B 280 -7.85 14.99 -3.33
CA GLY B 280 -8.42 13.70 -3.68
C GLY B 280 -8.40 12.82 -2.46
N PHE B 281 -9.29 11.82 -2.46
CA PHE B 281 -9.56 11.08 -1.23
C PHE B 281 -10.16 9.74 -1.67
N SER B 282 -9.32 8.69 -1.67
CA SER B 282 -9.77 7.35 -2.08
C SER B 282 -9.84 6.34 -0.96
N SER B 283 -9.30 6.64 0.22
CA SER B 283 -9.27 5.67 1.31
C SER B 283 -10.55 5.66 2.14
N TYR B 284 -11.64 6.25 1.65
CA TYR B 284 -12.92 6.25 2.34
C TYR B 284 -14.03 5.97 1.32
N VAL B 285 -15.27 6.39 1.60
CA VAL B 285 -16.36 6.13 0.67
C VAL B 285 -16.19 6.95 -0.61
N THR B 286 -16.80 6.47 -1.69
CA THR B 286 -16.48 6.98 -3.02
C THR B 286 -16.81 8.48 -3.15
N ASN B 287 -17.93 8.93 -2.61
CA ASN B 287 -18.31 10.31 -2.91
C ASN B 287 -17.70 11.34 -1.96
N ILE B 288 -16.78 10.96 -1.08
CA ILE B 288 -16.51 11.79 0.09
C ILE B 288 -15.87 13.12 -0.30
N MET B 289 -15.02 13.16 -1.33
CA MET B 289 -14.37 14.44 -1.66
C MET B 289 -15.40 15.46 -2.14
N ASP B 290 -16.38 15.01 -2.95
CA ASP B 290 -17.44 15.91 -3.39
C ASP B 290 -18.26 16.43 -2.22
N VAL B 291 -18.55 15.56 -1.26
CA VAL B 291 -19.31 15.96 -0.08
C VAL B 291 -18.52 16.99 0.72
N MET B 292 -17.23 16.72 0.96
CA MET B 292 -16.40 17.66 1.69
C MET B 292 -16.28 18.98 0.96
N ASP B 293 -16.10 18.94 -0.36
CA ASP B 293 -15.97 20.20 -1.09
C ASP B 293 -17.26 21.01 -1.01
N SER B 294 -18.40 20.33 -0.83
CA SER B 294 -19.69 21.01 -0.83
C SER B 294 -19.88 21.84 0.43
N VAL B 295 -19.28 21.44 1.55
CA VAL B 295 -19.45 22.24 2.75
C VAL B 295 -18.24 23.15 3.03
N ASN B 296 -17.08 22.90 2.41
CA ASN B 296 -15.94 23.84 2.50
C ASN B 296 -15.32 24.08 1.13
N PRO B 297 -15.95 24.91 0.30
CA PRO B 297 -15.35 25.25 -0.99
C PRO B 297 -14.01 25.96 -0.88
N ASP B 298 -13.74 26.64 0.23
CA ASP B 298 -12.47 27.34 0.40
C ASP B 298 -11.30 26.37 0.56
N GLY B 299 -11.57 25.10 0.88
CA GLY B 299 -10.48 24.13 0.94
C GLY B 299 -9.41 24.51 1.96
N MET B 300 -8.16 24.53 1.52
CA MET B 300 -7.07 24.87 2.43
C MET B 300 -7.03 26.36 2.74
N ALA B 301 -7.75 27.18 1.98
CA ALA B 301 -7.84 28.60 2.31
C ALA B 301 -8.77 28.87 3.47
N PHE B 302 -9.38 27.84 4.06
CA PHE B 302 -10.32 28.08 5.15
C PHE B 302 -9.65 28.74 6.35
N ILE B 303 -8.46 28.28 6.74
CA ILE B 303 -7.80 28.88 7.90
C ILE B 303 -7.61 30.39 7.69
N PRO B 304 -6.94 30.86 6.63
CA PRO B 304 -6.74 32.32 6.50
C PRO B 304 -8.03 33.08 6.20
N LEU B 305 -8.95 32.51 5.43
CA LEU B 305 -10.11 33.29 5.00
C LEU B 305 -11.21 33.34 6.05
N ARG B 306 -11.33 32.30 6.88
CA ARG B 306 -12.44 32.19 7.82
C ARG B 306 -12.00 32.20 9.27
N VAL B 307 -10.96 31.45 9.62
CA VAL B 307 -10.60 31.30 11.03
C VAL B 307 -9.91 32.55 11.55
N ILE B 308 -8.98 33.12 10.77
N ILE B 308 -9.00 33.13 10.76
CA ILE B 308 -8.30 34.33 11.19
CA ILE B 308 -8.30 34.34 11.21
C ILE B 308 -9.27 35.48 11.43
C ILE B 308 -9.25 35.50 11.42
N PRO B 309 -10.15 35.85 10.49
CA PRO B 309 -11.08 36.95 10.76
C PRO B 309 -12.02 36.68 11.92
N PHE B 310 -12.43 35.43 12.10
CA PHE B 310 -13.28 35.07 13.22
C PHE B 310 -12.57 35.31 14.55
N LEU B 311 -11.32 34.85 14.65
CA LEU B 311 -10.59 35.04 15.91
C LEU B 311 -10.20 36.49 16.12
N ARG B 312 -9.93 37.25 15.05
CA ARG B 312 -9.55 38.64 15.24
C ARG B 312 -10.70 39.45 15.84
N GLU B 313 -11.92 39.24 15.34
CA GLU B 313 -13.02 39.99 15.90
C GLU B 313 -13.42 39.49 17.28
N LYS B 314 -12.92 38.32 17.69
CA LYS B 314 -13.00 37.88 19.06
C LYS B 314 -11.93 38.51 19.95
N GLY B 315 -11.08 39.36 19.41
CA GLY B 315 -10.07 40.05 20.20
C GLY B 315 -8.68 39.45 20.16
N VAL B 316 -8.46 38.37 19.42
CA VAL B 316 -7.10 37.84 19.31
C VAL B 316 -6.30 38.80 18.43
N PRO B 317 -5.19 39.35 18.91
CA PRO B 317 -4.42 40.29 18.10
C PRO B 317 -3.87 39.64 16.83
N GLN B 318 -3.77 40.46 15.77
CA GLN B 318 -3.22 39.98 14.51
C GLN B 318 -1.82 39.41 14.69
N GLU B 319 -1.02 40.06 15.53
CA GLU B 319 0.36 39.60 15.73
C GLU B 319 0.40 38.23 16.41
N THR B 320 -0.58 37.94 17.28
CA THR B 320 -0.70 36.62 17.86
C THR B 320 -1.04 35.58 16.80
N LEU B 321 -1.96 35.93 15.90
CA LEU B 321 -2.33 34.98 14.85
C LEU B 321 -1.18 34.76 13.88
N ALA B 322 -0.43 35.83 13.57
CA ALA B 322 0.76 35.67 12.74
C ALA B 322 1.80 34.80 13.44
N GLY B 323 1.95 34.95 14.75
CA GLY B 323 2.86 34.07 15.47
C GLY B 323 2.45 32.61 15.37
N ILE B 324 1.14 32.33 15.44
CA ILE B 324 0.69 30.95 15.39
C ILE B 324 0.88 30.36 14.01
N THR B 325 0.63 31.15 12.95
CA THR B 325 0.60 30.64 11.59
C THR B 325 1.92 30.78 10.86
N VAL B 326 2.86 31.58 11.37
CA VAL B 326 4.13 31.79 10.68
C VAL B 326 5.29 31.34 11.57
N THR B 327 5.41 31.94 12.75
CA THR B 327 6.59 31.68 13.57
C THR B 327 6.53 30.29 14.21
N ASN B 328 5.40 29.92 14.79
CA ASN B 328 5.27 28.58 15.38
C ASN B 328 5.62 27.46 14.41
N PRO B 329 5.11 27.43 13.16
CA PRO B 329 5.53 26.36 12.24
C PRO B 329 7.00 26.41 11.88
N ALA B 330 7.56 27.61 11.75
CA ALA B 330 8.97 27.74 11.41
C ALA B 330 9.85 27.11 12.47
N ARG B 331 9.55 27.36 13.75
CA ARG B 331 10.33 26.74 14.82
C ARG B 331 10.14 25.23 14.85
N PHE B 332 8.92 24.77 14.57
CA PHE B 332 8.63 23.34 14.56
C PHE B 332 9.37 22.63 13.43
N LEU B 333 9.29 23.17 12.21
CA LEU B 333 9.84 22.50 11.04
C LEU B 333 11.34 22.64 10.91
N SER B 334 11.93 23.68 11.51
N SER B 334 11.93 23.67 11.51
CA SER B 334 13.37 23.87 11.45
CA SER B 334 13.37 23.87 11.45
C SER B 334 14.06 22.66 12.09
C SER B 334 14.07 22.67 12.08
N PRO B 335 14.93 21.95 11.35
CA PRO B 335 15.60 20.80 11.96
C PRO B 335 16.51 21.24 13.10
N THR B 336 16.50 20.46 14.17
CA THR B 336 17.40 20.73 15.27
C THR B 336 18.67 19.91 15.09
N LEU B 337 19.60 20.06 16.02
CA LEU B 337 20.86 19.32 15.92
C LEU B 337 20.60 17.82 15.97
N ARG B 338 21.34 17.08 15.16
CA ARG B 338 21.32 15.63 15.24
C ARG B 338 22.00 15.17 16.53
N ALA B 339 21.56 14.02 17.03
CA ALA B 339 22.16 13.46 18.24
C ALA B 339 23.63 13.12 17.98
N SER B 340 24.38 12.98 19.08
CA SER B 340 25.82 12.73 19.09
C SER B 340 26.56 13.97 18.60
C FMT C . -1.45 -16.12 -4.85
O1 FMT C . -1.96 -16.91 -4.05
O2 FMT C . -0.24 -15.89 -4.91
ZN ZN D . 1.46 -17.35 -4.86
ZN ZN E . -1.41 -17.76 -2.38
O X3E F . -0.09 -16.66 -1.32
CAA X3E F . 3.32 -13.74 -2.22
CAE X3E F . 4.26 -18.02 -1.17
CAH X3E F . 1.69 -15.53 -2.22
CAI X3E F . 3.12 -15.29 -2.06
CAK X3E F . 3.32 -17.11 -0.48
CAL X3E F . 1.21 -16.86 -1.81
OAF X3E F . 1.12 -17.72 -2.92
OAG X3E F . 3.62 -15.71 -0.81
OAJ X3E F . 1.94 -17.51 -0.76
C FMT G . -2.56 12.15 9.28
O1 FMT G . -3.06 12.54 8.23
O2 FMT G . -3.18 11.89 10.31
ZN ZN H . -4.51 14.23 7.87
ZN ZN I . -5.15 11.77 10.68
O X3E J . -5.72 12.95 8.70
CAA X3E J . -9.70 13.33 6.71
CAE X3E J . -6.15 10.79 4.77
CAH X3E J . -7.86 12.54 8.11
CAI X3E J . -8.72 12.14 6.99
CAK X3E J . -6.60 11.78 5.75
CAL X3E J . -6.52 11.92 8.22
OAF X3E J . -6.50 10.89 9.16
OAG X3E J . -8.07 11.80 5.77
OAJ X3E J . -5.95 11.45 7.01
#